data_7A04
#
_entry.id   7A04
#
_cell.length_a   55.666
_cell.length_b   118.771
_cell.length_c   130.998
_cell.angle_alpha   90.00
_cell.angle_beta   90.00
_cell.angle_gamma   90.00
#
_symmetry.space_group_name_H-M   'P 21 21 21'
#
loop_
_entity.id
_entity.type
_entity.pdbx_description
1 polymer 'Choline kinase alpha'
2 non-polymer 1-(phenylmethyl)-4-pyrrolidin-1-yl-pyridin-1-ium
3 non-polymer 1,2-ETHANEDIOL
4 water water
#
_entity_poly.entity_id   1
_entity_poly.type   'polypeptide(L)'
_entity_poly.pdbx_seq_one_letter_code
;PQPPADEQPEPRTRRRAYLWCKEFLPGAWRGLREDEFHISVIRGGLSNMLFQCSLPDTTATLGDEPRKVLLRLYGAILQM
RSCNKEGSEQAQKENEFQGAEAMVLESVMFAILAERSLGPKLYGIFPQGRLEQFIPSRRLDTEELSLPDISAEIAEKMAT
FHGMKMPFNKEPKWLFGTMEKYLKEVLRIKFTEESRIKKLHKLLSYNLPLELENLRSLLESTPSPVVFCHNDCQEGNILL
LEGRENSEKQKLMLIDFEYSSYNYRGFDIGNHFCEWMYDYSYEKYPFFRANIRKYPTKKQQLHFISSYLPAFQNDFENLS
TEEKSIIKEEMLLEVNRFALASHFLWGLWSIVQAKISSIEFGYMDYAQARFDAYFHQKRKLGV
;
_entity_poly.pdbx_strand_id   A,B
#
# COMPACT_ATOMS: atom_id res chain seq x y z
N GLU A 7 -2.18 2.94 -31.65
CA GLU A 7 -1.01 3.88 -31.54
C GLU A 7 0.06 3.16 -30.72
N GLN A 8 1.28 3.10 -31.25
CA GLN A 8 2.45 2.46 -30.61
C GLN A 8 3.19 3.50 -29.78
N PRO A 9 3.73 3.13 -28.59
CA PRO A 9 4.48 4.06 -27.76
C PRO A 9 5.86 4.32 -28.37
N GLU A 10 6.63 5.24 -27.78
CA GLU A 10 8.03 5.48 -28.23
C GLU A 10 8.86 4.25 -27.83
N PRO A 11 9.96 3.95 -28.55
CA PRO A 11 10.79 2.79 -28.27
C PRO A 11 11.21 2.63 -26.80
N ARG A 12 11.68 3.69 -26.13
CA ARG A 12 12.19 3.62 -24.74
C ARG A 12 11.07 3.07 -23.86
N THR A 13 9.84 3.49 -24.14
CA THR A 13 8.64 3.13 -23.34
C THR A 13 8.30 1.67 -23.60
N ARG A 14 8.27 1.26 -24.88
CA ARG A 14 8.05 -0.16 -25.26
C ARG A 14 9.01 -1.09 -24.51
N ARG A 15 10.28 -0.71 -24.43
CA ARG A 15 11.39 -1.47 -23.79
C ARG A 15 11.07 -1.64 -22.29
N ARG A 16 10.87 -0.51 -21.60
CA ARG A 16 10.63 -0.42 -20.13
C ARG A 16 9.34 -1.20 -19.82
N ALA A 17 8.31 -1.05 -20.65
CA ALA A 17 6.98 -1.69 -20.50
C ALA A 17 7.14 -3.21 -20.62
N TYR A 18 7.91 -3.65 -21.60
CA TYR A 18 8.20 -5.09 -21.83
C TYR A 18 8.89 -5.66 -20.58
N LEU A 19 9.84 -4.96 -20.02
CA LEU A 19 10.63 -5.47 -18.87
C LEU A 19 9.77 -5.51 -17.61
N TRP A 20 9.00 -4.47 -17.34
CA TRP A 20 8.00 -4.43 -16.24
C TRP A 20 7.05 -5.61 -16.37
N CYS A 21 6.47 -5.84 -17.56
CA CYS A 21 5.49 -6.95 -17.72
C CYS A 21 6.22 -8.28 -17.49
N LYS A 22 7.41 -8.43 -18.05
CA LYS A 22 8.18 -9.70 -18.04
C LYS A 22 8.52 -10.05 -16.58
N GLU A 23 8.96 -9.05 -15.82
CA GLU A 23 9.52 -9.22 -14.45
C GLU A 23 8.39 -9.29 -13.40
N PHE A 24 7.31 -8.51 -13.52
CA PHE A 24 6.23 -8.43 -12.48
C PHE A 24 5.11 -9.44 -12.70
N LEU A 25 4.87 -9.89 -13.93
CA LEU A 25 3.70 -10.77 -14.24
C LEU A 25 4.16 -12.22 -14.34
N PRO A 26 3.35 -13.18 -13.81
CA PRO A 26 3.73 -14.58 -13.80
C PRO A 26 3.27 -15.37 -15.03
N GLY A 27 3.53 -16.68 -15.06
CA GLY A 27 3.18 -17.56 -16.19
C GLY A 27 3.91 -17.16 -17.48
N ALA A 28 3.16 -17.08 -18.59
CA ALA A 28 3.67 -16.87 -19.97
C ALA A 28 4.46 -15.56 -20.05
N TRP A 29 4.11 -14.56 -19.23
CA TRP A 29 4.85 -13.27 -19.23
C TRP A 29 6.33 -13.49 -18.94
N ARG A 30 6.68 -14.44 -18.05
CA ARG A 30 8.06 -14.56 -17.51
C ARG A 30 9.00 -14.93 -18.67
N GLY A 31 8.54 -15.75 -19.62
CA GLY A 31 9.35 -16.23 -20.75
C GLY A 31 9.10 -15.47 -22.04
N LEU A 32 8.41 -14.33 -21.99
CA LEU A 32 8.01 -13.60 -23.22
C LEU A 32 9.25 -12.90 -23.81
N ARG A 33 9.41 -12.95 -25.13
CA ARG A 33 10.45 -12.17 -25.87
C ARG A 33 9.93 -10.77 -26.23
N GLU A 34 10.84 -9.82 -26.32
CA GLU A 34 10.61 -8.41 -26.72
C GLU A 34 9.77 -8.38 -28.00
N ASP A 35 10.07 -9.27 -28.94
CA ASP A 35 9.48 -9.29 -30.30
C ASP A 35 8.03 -9.81 -30.23
N GLU A 36 7.67 -10.50 -29.14
CA GLU A 36 6.30 -11.01 -28.96
C GLU A 36 5.41 -10.03 -28.18
N PHE A 37 5.98 -8.98 -27.61
CA PHE A 37 5.26 -8.02 -26.74
C PHE A 37 4.33 -7.14 -27.57
N HIS A 38 3.03 -7.12 -27.20
CA HIS A 38 1.98 -6.24 -27.76
C HIS A 38 1.70 -5.13 -26.76
N ILE A 39 1.91 -3.88 -27.17
CA ILE A 39 1.58 -2.66 -26.37
C ILE A 39 0.96 -1.62 -27.30
N SER A 40 -0.03 -0.88 -26.81
CA SER A 40 -0.61 0.27 -27.55
C SER A 40 -1.05 1.34 -26.56
N VAL A 41 -0.98 2.59 -26.97
CA VAL A 41 -1.33 3.77 -26.12
C VAL A 41 -2.84 3.78 -25.93
N ILE A 42 -3.28 3.99 -24.68
CA ILE A 42 -4.70 4.24 -24.32
C ILE A 42 -4.86 5.74 -24.09
N ARG A 43 -3.92 6.36 -23.37
CA ARG A 43 -3.86 7.84 -23.15
C ARG A 43 -2.39 8.27 -23.14
N GLY A 44 -2.05 9.23 -24.02
CA GLY A 44 -0.72 9.87 -24.08
C GLY A 44 -0.61 11.01 -23.08
N GLY A 45 0.41 11.87 -23.24
CA GLY A 45 0.67 13.06 -22.40
C GLY A 45 2.06 13.00 -21.77
N LEU A 46 2.38 14.02 -20.97
CA LEU A 46 3.64 14.06 -20.17
C LEU A 46 3.39 13.34 -18.84
N SER A 47 2.12 13.16 -18.46
CA SER A 47 1.71 12.76 -17.08
C SER A 47 0.64 11.67 -17.18
N ASN A 48 0.74 10.62 -16.36
CA ASN A 48 -0.31 9.58 -16.20
C ASN A 48 -0.68 8.91 -17.52
N MET A 49 0.32 8.49 -18.29
CA MET A 49 0.09 7.76 -19.55
C MET A 49 -0.45 6.35 -19.24
N LEU A 50 -1.36 5.86 -20.07
CA LEU A 50 -1.95 4.50 -19.97
C LEU A 50 -1.59 3.75 -21.24
N PHE A 51 -1.33 2.45 -21.12
CA PHE A 51 -1.00 1.52 -22.21
C PHE A 51 -1.72 0.22 -21.94
N GLN A 52 -2.23 -0.41 -22.98
CA GLN A 52 -2.66 -1.84 -22.96
C GLN A 52 -1.43 -2.67 -23.34
N CYS A 53 -1.13 -3.70 -22.53
CA CYS A 53 0.00 -4.63 -22.74
C CYS A 53 -0.61 -6.03 -22.77
N SER A 54 -0.22 -6.82 -23.77
CA SER A 54 -0.93 -8.07 -24.13
C SER A 54 0.04 -9.17 -24.54
N LEU A 55 -0.27 -10.43 -24.19
CA LEU A 55 0.34 -11.63 -24.79
C LEU A 55 -0.13 -11.72 -26.24
N PRO A 56 0.66 -12.31 -27.17
CA PRO A 56 0.12 -12.69 -28.48
C PRO A 56 -1.15 -13.53 -28.34
N ASP A 57 -2.08 -13.39 -29.28
CA ASP A 57 -3.28 -14.26 -29.37
C ASP A 57 -2.86 -15.73 -29.42
N THR A 58 -1.69 -16.03 -30.02
CA THR A 58 -1.18 -17.40 -30.20
C THR A 58 -0.54 -17.93 -28.91
N THR A 59 -0.15 -17.08 -27.95
CA THR A 59 0.48 -17.55 -26.68
C THR A 59 -0.60 -18.05 -25.72
N ALA A 60 -0.46 -19.27 -25.20
CA ALA A 60 -1.31 -19.85 -24.15
C ALA A 60 -0.82 -19.38 -22.78
N THR A 61 -1.76 -19.18 -21.85
CA THR A 61 -1.50 -18.92 -20.42
C THR A 61 -1.13 -20.26 -19.75
N LEU A 62 -0.15 -20.24 -18.85
CA LEU A 62 0.29 -21.40 -18.06
C LEU A 62 -0.62 -21.62 -16.85
N GLY A 63 -1.23 -20.54 -16.33
CA GLY A 63 -1.90 -20.50 -15.02
C GLY A 63 -3.05 -19.50 -15.03
N ASP A 64 -3.18 -18.67 -13.98
CA ASP A 64 -4.30 -17.69 -13.87
C ASP A 64 -3.82 -16.27 -14.19
N GLU A 65 -2.66 -16.11 -14.85
CA GLU A 65 -2.13 -14.77 -15.22
C GLU A 65 -3.08 -14.13 -16.22
N PRO A 66 -3.19 -12.79 -16.24
CA PRO A 66 -4.04 -12.11 -17.22
C PRO A 66 -3.37 -12.12 -18.61
N ARG A 67 -4.17 -12.08 -19.66
CA ARG A 67 -3.72 -11.99 -21.07
C ARG A 67 -3.37 -10.54 -21.42
N LYS A 68 -4.13 -9.54 -20.91
CA LYS A 68 -3.74 -8.12 -21.01
C LYS A 68 -3.79 -7.44 -19.65
N VAL A 69 -3.03 -6.37 -19.53
CA VAL A 69 -2.92 -5.54 -18.31
C VAL A 69 -2.85 -4.10 -18.76
N LEU A 70 -3.08 -3.20 -17.83
CA LEU A 70 -2.97 -1.74 -18.03
C LEU A 70 -1.67 -1.29 -17.37
N LEU A 71 -0.80 -0.63 -18.11
CA LEU A 71 0.39 0.02 -17.52
C LEU A 71 0.03 1.49 -17.30
N ARG A 72 0.31 2.01 -16.10
CA ARG A 72 0.11 3.45 -15.76
C ARG A 72 1.47 4.02 -15.37
N LEU A 73 1.97 4.99 -16.12
CA LEU A 73 3.27 5.66 -15.89
C LEU A 73 3.00 7.06 -15.33
N TYR A 74 3.66 7.44 -14.24
CA TYR A 74 3.45 8.76 -13.59
C TYR A 74 3.92 9.84 -14.57
N GLY A 75 5.15 9.69 -15.06
CA GLY A 75 5.85 10.70 -15.89
C GLY A 75 6.29 11.90 -15.07
N ALA A 102 2.31 11.06 -0.55
CA ALA A 102 1.14 11.12 -1.48
C ALA A 102 1.13 9.92 -2.41
N MET A 103 2.28 9.57 -3.00
CA MET A 103 2.53 8.30 -3.75
C MET A 103 2.27 7.12 -2.78
N VAL A 104 2.76 7.22 -1.53
CA VAL A 104 2.56 6.13 -0.54
C VAL A 104 1.05 5.96 -0.29
N LEU A 105 0.35 7.05 0.01
CA LEU A 105 -1.09 6.98 0.38
C LEU A 105 -1.87 6.43 -0.82
N GLU A 106 -1.59 6.93 -2.02
CA GLU A 106 -2.33 6.55 -3.24
C GLU A 106 -2.07 5.07 -3.54
N SER A 107 -0.83 4.61 -3.35
CA SER A 107 -0.44 3.20 -3.64
C SER A 107 -1.11 2.27 -2.63
N VAL A 108 -1.04 2.59 -1.34
CA VAL A 108 -1.67 1.78 -0.26
C VAL A 108 -3.17 1.68 -0.54
N MET A 109 -3.79 2.82 -0.84
CA MET A 109 -5.24 2.87 -1.10
C MET A 109 -5.56 1.98 -2.31
N PHE A 110 -4.83 2.10 -3.40
CA PHE A 110 -5.11 1.28 -4.62
C PHE A 110 -5.01 -0.20 -4.27
N ALA A 111 -3.97 -0.59 -3.52
CA ALA A 111 -3.73 -1.97 -3.11
C ALA A 111 -4.87 -2.47 -2.23
N ILE A 112 -5.38 -1.63 -1.33
CA ILE A 112 -6.48 -2.02 -0.41
C ILE A 112 -7.72 -2.24 -1.27
N LEU A 113 -8.08 -1.29 -2.14
CA LEU A 113 -9.32 -1.43 -2.95
C LEU A 113 -9.20 -2.68 -3.83
N ALA A 114 -8.01 -2.98 -4.34
CA ALA A 114 -7.80 -4.21 -5.13
C ALA A 114 -8.07 -5.44 -4.26
N GLU A 115 -7.56 -5.48 -3.02
CA GLU A 115 -7.73 -6.67 -2.15
C GLU A 115 -9.22 -6.86 -1.86
N ARG A 116 -9.99 -5.78 -1.76
CA ARG A 116 -11.44 -5.83 -1.40
C ARG A 116 -12.32 -5.98 -2.64
N SER A 117 -11.74 -6.03 -3.85
CA SER A 117 -12.48 -6.20 -5.13
C SER A 117 -13.36 -4.99 -5.39
N LEU A 118 -12.88 -3.80 -5.03
CA LEU A 118 -13.59 -2.52 -5.23
C LEU A 118 -12.81 -1.67 -6.24
N GLY A 119 -11.67 -2.19 -6.71
CA GLY A 119 -10.86 -1.54 -7.75
C GLY A 119 -10.26 -2.61 -8.64
N PRO A 120 -9.56 -2.22 -9.72
CA PRO A 120 -8.76 -3.16 -10.50
C PRO A 120 -7.69 -3.84 -9.61
N LYS A 121 -7.38 -5.10 -9.90
CA LYS A 121 -6.27 -5.82 -9.25
C LYS A 121 -4.97 -5.04 -9.48
N LEU A 122 -4.06 -5.15 -8.52
CA LEU A 122 -2.71 -4.55 -8.60
C LEU A 122 -1.73 -5.69 -8.91
N TYR A 123 -1.10 -5.67 -10.07
CA TYR A 123 -0.17 -6.75 -10.52
C TYR A 123 1.27 -6.36 -10.25
N GLY A 124 1.55 -5.07 -10.23
CA GLY A 124 2.95 -4.64 -10.09
C GLY A 124 3.02 -3.20 -9.67
N ILE A 125 3.96 -2.88 -8.80
CA ILE A 125 4.24 -1.49 -8.44
C ILE A 125 5.75 -1.27 -8.47
N PHE A 126 6.17 -0.15 -9.04
CA PHE A 126 7.59 0.25 -9.21
C PHE A 126 7.60 1.78 -9.21
N PRO A 127 8.77 2.43 -9.05
CA PRO A 127 8.80 3.88 -8.90
C PRO A 127 8.11 4.65 -10.04
N GLN A 128 8.17 4.14 -11.27
CA GLN A 128 7.72 4.91 -12.46
C GLN A 128 6.21 4.69 -12.71
N GLY A 129 5.58 3.69 -12.07
CA GLY A 129 4.17 3.39 -12.33
C GLY A 129 3.68 2.09 -11.73
N ARG A 130 2.60 1.57 -12.30
CA ARG A 130 1.94 0.34 -11.81
C ARG A 130 1.47 -0.49 -13.00
N LEU A 131 1.30 -1.78 -12.77
CA LEU A 131 0.52 -2.66 -13.66
C LEU A 131 -0.76 -3.04 -12.93
N GLU A 132 -1.87 -2.86 -13.61
CA GLU A 132 -3.24 -2.98 -13.07
C GLU A 132 -4.00 -3.96 -13.94
N GLN A 133 -5.05 -4.57 -13.40
CA GLN A 133 -6.02 -5.31 -14.20
C GLN A 133 -6.53 -4.43 -15.35
N PHE A 134 -6.67 -5.01 -16.54
CA PHE A 134 -7.35 -4.34 -17.68
C PHE A 134 -8.81 -4.73 -17.59
N ILE A 135 -9.68 -3.74 -17.47
CA ILE A 135 -11.15 -3.97 -17.33
C ILE A 135 -11.82 -3.57 -18.63
N PRO A 136 -12.31 -4.54 -19.44
CA PRO A 136 -13.02 -4.23 -20.68
C PRO A 136 -14.27 -3.40 -20.35
N SER A 137 -14.37 -2.23 -20.97
CA SER A 137 -15.30 -1.15 -20.53
C SER A 137 -15.11 0.08 -21.38
N ARG A 138 -16.02 1.03 -21.18
CA ARG A 138 -15.83 2.44 -21.57
C ARG A 138 -16.24 3.32 -20.38
N ARG A 139 -15.87 4.59 -20.43
CA ARG A 139 -16.36 5.63 -19.51
C ARG A 139 -17.80 5.92 -19.89
N LEU A 140 -18.60 6.34 -18.90
CA LEU A 140 -19.91 7.00 -19.13
C LEU A 140 -19.68 8.33 -19.85
N ASP A 141 -20.66 8.74 -20.62
CA ASP A 141 -20.78 10.12 -21.18
C ASP A 141 -21.56 10.95 -20.16
N THR A 142 -21.36 12.26 -20.14
CA THR A 142 -22.09 13.20 -19.27
C THR A 142 -23.58 12.90 -19.32
N GLU A 143 -24.17 12.73 -20.49
CA GLU A 143 -25.64 12.59 -20.67
C GLU A 143 -26.15 11.33 -19.95
N GLU A 144 -25.30 10.33 -19.76
CA GLU A 144 -25.72 9.05 -19.13
C GLU A 144 -25.89 9.19 -17.62
N LEU A 145 -25.35 10.25 -17.02
CA LEU A 145 -25.38 10.44 -15.55
C LEU A 145 -26.82 10.59 -15.06
N SER A 146 -27.72 11.12 -15.89
CA SER A 146 -29.12 11.36 -15.51
C SER A 146 -30.00 10.15 -15.79
N LEU A 147 -29.53 9.09 -16.46
CA LEU A 147 -30.37 7.88 -16.67
C LEU A 147 -30.70 7.31 -15.30
N PRO A 148 -31.98 7.10 -14.95
CA PRO A 148 -32.36 6.68 -13.60
C PRO A 148 -31.57 5.50 -13.00
N ASP A 149 -31.30 4.46 -13.80
CA ASP A 149 -30.63 3.23 -13.32
C ASP A 149 -29.13 3.50 -13.16
N ILE A 150 -28.55 4.33 -14.03
CA ILE A 150 -27.12 4.73 -13.91
C ILE A 150 -26.99 5.52 -12.61
N SER A 151 -27.85 6.53 -12.39
CA SER A 151 -27.80 7.44 -11.22
C SER A 151 -27.99 6.63 -9.93
N ALA A 152 -28.97 5.73 -9.89
CA ALA A 152 -29.25 4.87 -8.72
C ALA A 152 -28.01 4.04 -8.40
N GLU A 153 -27.34 3.49 -9.42
CA GLU A 153 -26.15 2.64 -9.20
C GLU A 153 -24.95 3.50 -8.78
N ILE A 154 -24.81 4.71 -9.32
CA ILE A 154 -23.70 5.58 -8.83
C ILE A 154 -23.92 5.86 -7.33
N ALA A 155 -25.14 6.20 -6.94
CA ALA A 155 -25.50 6.46 -5.53
C ALA A 155 -25.14 5.25 -4.64
N GLU A 156 -25.41 4.02 -5.10
CA GLU A 156 -25.15 2.77 -4.31
C GLU A 156 -23.64 2.57 -4.21
N LYS A 157 -22.92 2.70 -5.31
CA LYS A 157 -21.44 2.56 -5.31
C LYS A 157 -20.83 3.66 -4.42
N MET A 158 -21.30 4.90 -4.52
CA MET A 158 -20.74 5.96 -3.63
C MET A 158 -21.04 5.66 -2.14
N ALA A 159 -22.26 5.25 -1.80
CA ALA A 159 -22.64 4.87 -0.40
C ALA A 159 -21.68 3.80 0.11
N THR A 160 -21.41 2.77 -0.70
CA THR A 160 -20.49 1.63 -0.35
C THR A 160 -19.10 2.20 -0.05
N PHE A 161 -18.53 2.93 -1.01
CA PHE A 161 -17.25 3.68 -0.89
C PHE A 161 -17.26 4.45 0.45
N HIS A 162 -18.36 5.16 0.75
CA HIS A 162 -18.44 6.07 1.92
C HIS A 162 -18.33 5.28 3.21
N GLY A 163 -18.74 4.01 3.19
CA GLY A 163 -18.83 3.15 4.40
C GLY A 163 -17.52 2.48 4.76
N MET A 164 -16.50 2.53 3.92
CA MET A 164 -15.34 1.66 4.19
C MET A 164 -14.30 2.34 5.08
N LYS A 165 -13.60 1.50 5.82
CA LYS A 165 -12.52 1.89 6.76
C LYS A 165 -11.23 1.95 5.92
N MET A 166 -10.50 3.05 6.02
CA MET A 166 -9.22 3.25 5.33
C MET A 166 -8.25 3.84 6.36
N PRO A 167 -6.95 3.49 6.30
CA PRO A 167 -6.00 3.89 7.34
C PRO A 167 -5.49 5.31 7.13
N PHE A 168 -6.40 6.24 6.86
CA PHE A 168 -6.04 7.65 6.57
C PHE A 168 -6.66 8.59 7.61
N ASN A 169 -6.20 9.83 7.62
CA ASN A 169 -6.60 10.86 8.60
C ASN A 169 -8.11 11.12 8.47
N LYS A 170 -8.84 10.98 9.58
CA LYS A 170 -10.32 11.06 9.60
C LYS A 170 -10.78 12.48 9.95
N GLU A 171 -9.86 13.40 10.26
CA GLU A 171 -10.15 14.83 10.51
C GLU A 171 -10.43 15.48 9.19
N PRO A 172 -11.63 16.07 8.96
CA PRO A 172 -11.99 16.55 7.63
C PRO A 172 -11.33 17.89 7.26
N LYS A 173 -10.00 17.95 7.27
CA LYS A 173 -9.22 19.17 6.96
C LYS A 173 -9.00 19.30 5.46
N TRP A 174 -9.32 18.24 4.70
CA TRP A 174 -9.00 18.16 3.25
C TRP A 174 -9.61 19.37 2.51
N LEU A 175 -10.90 19.63 2.71
CA LEU A 175 -11.69 20.54 1.84
C LEU A 175 -11.15 21.97 1.95
N PHE A 176 -11.15 22.54 3.16
CA PHE A 176 -10.71 23.93 3.40
C PHE A 176 -9.19 24.03 3.37
N GLY A 177 -8.48 22.98 3.81
CA GLY A 177 -7.02 22.87 3.64
C GLY A 177 -6.65 23.05 2.17
N THR A 178 -7.28 22.32 1.27
CA THR A 178 -6.95 22.36 -0.19
C THR A 178 -7.33 23.73 -0.77
N MET A 179 -8.51 24.25 -0.45
CA MET A 179 -8.99 25.53 -1.04
C MET A 179 -8.04 26.64 -0.58
N GLU A 180 -7.62 26.63 0.68
CA GLU A 180 -6.66 27.65 1.23
C GLU A 180 -5.31 27.56 0.50
N LYS A 181 -4.79 26.36 0.27
CA LYS A 181 -3.53 26.13 -0.49
C LYS A 181 -3.72 26.73 -1.91
N TYR A 182 -4.79 26.39 -2.62
CA TYR A 182 -4.99 26.90 -4.00
C TYR A 182 -5.14 28.41 -3.97
N LEU A 183 -5.91 28.96 -3.02
CA LEU A 183 -6.13 30.43 -2.96
C LEU A 183 -4.78 31.15 -2.80
N LYS A 184 -3.94 30.66 -1.86
CA LYS A 184 -2.59 31.20 -1.61
C LYS A 184 -1.85 31.24 -2.94
N GLU A 185 -1.84 30.13 -3.67
CA GLU A 185 -1.13 29.98 -4.97
C GLU A 185 -1.76 30.96 -5.97
N VAL A 186 -3.09 31.09 -5.96
CA VAL A 186 -3.82 31.93 -6.97
C VAL A 186 -3.42 33.40 -6.77
N LEU A 187 -3.28 33.86 -5.52
CA LEU A 187 -2.95 35.28 -5.22
C LEU A 187 -1.50 35.59 -5.60
N ARG A 188 -0.63 34.60 -5.76
CA ARG A 188 0.80 34.78 -6.17
C ARG A 188 0.92 34.82 -7.70
N ILE A 189 -0.08 34.40 -8.45
CA ILE A 189 0.08 34.11 -9.91
C ILE A 189 0.17 35.41 -10.69
N LYS A 190 1.13 35.48 -11.61
CA LYS A 190 1.21 36.53 -12.64
C LYS A 190 1.29 35.80 -13.99
N PHE A 191 0.31 36.06 -14.86
CA PHE A 191 0.35 35.61 -16.27
C PHE A 191 1.12 36.65 -17.07
N THR A 192 1.67 36.29 -18.23
CA THR A 192 2.24 37.28 -19.19
C THR A 192 1.27 37.50 -20.35
N GLU A 193 0.48 36.49 -20.71
CA GLU A 193 -0.40 36.57 -21.90
C GLU A 193 -1.65 37.37 -21.51
N GLU A 194 -2.04 38.29 -22.39
CA GLU A 194 -3.18 39.24 -22.31
C GLU A 194 -4.49 38.56 -21.85
N SER A 195 -5.01 37.60 -22.62
CA SER A 195 -6.34 36.99 -22.37
C SER A 195 -6.37 36.33 -20.98
N ARG A 196 -5.29 35.63 -20.58
CA ARG A 196 -5.13 35.02 -19.23
C ARG A 196 -5.09 36.10 -18.15
N ILE A 197 -4.41 37.22 -18.42
CA ILE A 197 -4.28 38.34 -17.45
C ILE A 197 -5.69 38.89 -17.17
N LYS A 198 -6.47 39.16 -18.21
CA LYS A 198 -7.83 39.78 -18.12
C LYS A 198 -8.80 38.83 -17.38
N LYS A 199 -8.81 37.55 -17.75
CA LYS A 199 -9.63 36.49 -17.09
C LYS A 199 -9.31 36.40 -15.62
N LEU A 200 -8.03 36.46 -15.24
CA LEU A 200 -7.62 36.37 -13.82
C LEU A 200 -8.11 37.62 -13.07
N HIS A 201 -8.04 38.79 -13.69
CA HIS A 201 -8.46 40.06 -13.05
C HIS A 201 -9.96 39.98 -12.74
N LYS A 202 -10.78 39.47 -13.67
CA LYS A 202 -12.21 39.28 -13.40
C LYS A 202 -12.41 38.33 -12.20
N LEU A 203 -11.73 37.20 -12.16
CA LEU A 203 -11.94 36.21 -11.07
C LEU A 203 -11.50 36.84 -9.75
N LEU A 204 -10.34 37.50 -9.73
CA LEU A 204 -9.78 38.16 -8.52
C LEU A 204 -10.74 39.27 -8.03
N SER A 205 -11.46 39.91 -8.94
CA SER A 205 -12.42 41.03 -8.64
C SER A 205 -13.54 40.57 -7.70
N TYR A 206 -13.82 39.27 -7.58
CA TYR A 206 -14.88 38.74 -6.68
C TYR A 206 -14.45 38.82 -5.21
N ASN A 207 -13.18 39.08 -4.93
CA ASN A 207 -12.60 39.02 -3.56
C ASN A 207 -12.71 37.57 -3.08
N LEU A 208 -11.84 36.70 -3.60
CA LEU A 208 -11.90 35.26 -3.37
C LEU A 208 -11.62 34.97 -1.89
N PRO A 209 -10.68 35.67 -1.19
CA PRO A 209 -10.46 35.38 0.23
C PRO A 209 -11.70 35.66 1.10
N LEU A 210 -12.46 36.71 0.79
CA LEU A 210 -13.70 37.03 1.54
C LEU A 210 -14.76 35.98 1.24
N GLU A 211 -14.93 35.68 -0.04
CA GLU A 211 -15.91 34.66 -0.52
C GLU A 211 -15.60 33.32 0.17
N LEU A 212 -14.34 32.95 0.27
CA LEU A 212 -13.94 31.69 0.91
C LEU A 212 -14.39 31.70 2.36
N GLU A 213 -14.28 32.83 3.06
CA GLU A 213 -14.66 32.92 4.50
C GLU A 213 -16.18 32.84 4.62
N ASN A 214 -16.91 33.47 3.70
CA ASN A 214 -18.39 33.37 3.68
C ASN A 214 -18.76 31.90 3.44
N LEU A 215 -18.07 31.20 2.53
CA LEU A 215 -18.35 29.77 2.25
C LEU A 215 -18.06 28.93 3.51
N ARG A 216 -16.94 29.21 4.19
CA ARG A 216 -16.59 28.48 5.44
C ARG A 216 -17.70 28.62 6.47
N SER A 217 -18.19 29.83 6.69
CA SER A 217 -19.25 30.09 7.68
C SER A 217 -20.52 29.33 7.28
N LEU A 218 -20.88 29.29 6.01
CA LEU A 218 -22.08 28.51 5.60
C LEU A 218 -21.88 27.02 5.88
N LEU A 219 -20.72 26.45 5.54
CA LEU A 219 -20.53 24.97 5.64
C LEU A 219 -20.26 24.56 7.09
N GLU A 220 -19.62 25.43 7.89
CA GLU A 220 -19.48 25.26 9.36
C GLU A 220 -20.86 25.06 9.97
N SER A 221 -21.89 25.73 9.45
CA SER A 221 -23.27 25.62 9.99
C SER A 221 -24.05 24.51 9.28
N THR A 222 -23.43 23.69 8.44
CA THR A 222 -24.12 22.63 7.64
C THR A 222 -23.60 21.26 8.05
N PRO A 223 -24.29 20.55 8.96
CA PRO A 223 -23.90 19.19 9.33
C PRO A 223 -23.79 18.27 8.12
N SER A 224 -22.70 17.53 8.06
CA SER A 224 -22.41 16.53 7.00
C SER A 224 -21.47 15.49 7.58
N PRO A 225 -21.81 14.19 7.55
CA PRO A 225 -20.93 13.18 8.12
C PRO A 225 -19.60 13.09 7.33
N VAL A 226 -18.50 12.90 8.05
CA VAL A 226 -17.16 12.65 7.47
C VAL A 226 -17.11 11.19 7.05
N VAL A 227 -16.85 10.95 5.76
CA VAL A 227 -16.82 9.58 5.19
C VAL A 227 -15.63 9.53 4.24
N PHE A 228 -15.26 8.32 3.82
CA PHE A 228 -14.20 8.14 2.80
C PHE A 228 -14.81 8.54 1.45
N CYS A 229 -14.41 9.71 0.94
CA CYS A 229 -14.92 10.35 -0.29
C CYS A 229 -14.01 10.05 -1.49
N HIS A 230 -14.62 9.81 -2.65
CA HIS A 230 -13.88 9.75 -3.93
C HIS A 230 -13.29 11.13 -4.26
N ASN A 231 -14.10 12.18 -4.17
CA ASN A 231 -13.75 13.61 -4.38
C ASN A 231 -13.70 14.01 -5.86
N ASP A 232 -13.99 13.10 -6.79
CA ASP A 232 -13.90 13.39 -8.25
C ASP A 232 -14.80 12.40 -9.01
N CYS A 233 -16.03 12.24 -8.52
CA CYS A 233 -16.98 11.26 -9.06
C CYS A 233 -17.69 11.88 -10.27
N GLN A 234 -16.97 11.92 -11.38
CA GLN A 234 -17.45 12.35 -12.72
C GLN A 234 -17.51 11.15 -13.66
N GLU A 235 -18.16 11.33 -14.80
CA GLU A 235 -18.42 10.28 -15.82
C GLU A 235 -17.08 9.68 -16.28
N GLY A 236 -16.02 10.47 -16.39
CA GLY A 236 -14.69 9.99 -16.81
C GLY A 236 -14.07 9.04 -15.79
N ASN A 237 -14.63 8.93 -14.57
CA ASN A 237 -14.10 8.02 -13.53
C ASN A 237 -15.09 6.92 -13.22
N ILE A 238 -16.05 6.68 -14.10
CA ILE A 238 -17.10 5.63 -13.94
C ILE A 238 -17.01 4.73 -15.17
N LEU A 239 -16.72 3.45 -14.92
CA LEU A 239 -16.62 2.41 -15.98
C LEU A 239 -18.00 1.82 -16.21
N LEU A 240 -18.43 1.77 -17.46
CA LEU A 240 -19.55 0.90 -17.89
C LEU A 240 -18.92 -0.43 -18.30
N LEU A 241 -19.14 -1.48 -17.52
CA LEU A 241 -18.41 -2.76 -17.62
C LEU A 241 -18.97 -3.55 -18.82
N GLU A 242 -18.12 -3.86 -19.78
CA GLU A 242 -18.51 -4.62 -21.00
C GLU A 242 -19.15 -5.95 -20.57
N GLY A 243 -20.25 -6.33 -21.21
CA GLY A 243 -20.98 -7.59 -20.96
C GLY A 243 -21.98 -7.50 -19.82
N ARG A 244 -22.17 -6.31 -19.23
CA ARG A 244 -23.09 -6.12 -18.07
C ARG A 244 -24.13 -5.04 -18.38
N GLU A 245 -24.14 -4.48 -19.59
CA GLU A 245 -24.98 -3.32 -20.01
C GLU A 245 -26.48 -3.58 -19.77
N ASN A 246 -26.90 -4.85 -19.66
CA ASN A 246 -28.31 -5.26 -19.41
C ASN A 246 -28.59 -5.45 -17.91
N SER A 247 -27.55 -5.56 -17.08
CA SER A 247 -27.64 -5.53 -15.59
C SER A 247 -28.22 -4.19 -15.14
N GLU A 248 -29.31 -4.23 -14.38
CA GLU A 248 -29.98 -3.00 -13.85
C GLU A 248 -29.06 -2.31 -12.82
N LYS A 249 -28.40 -3.05 -11.93
CA LYS A 249 -27.79 -2.48 -10.69
C LYS A 249 -26.28 -2.77 -10.54
N GLN A 250 -25.65 -3.50 -11.48
CA GLN A 250 -24.23 -3.91 -11.30
C GLN A 250 -23.47 -3.78 -12.62
N LYS A 251 -23.54 -2.64 -13.28
CA LYS A 251 -22.80 -2.49 -14.57
C LYS A 251 -21.72 -1.42 -14.44
N LEU A 252 -21.48 -0.87 -13.25
CA LEU A 252 -20.51 0.25 -13.09
C LEU A 252 -19.41 -0.12 -12.10
N MET A 253 -18.24 0.48 -12.27
CA MET A 253 -17.18 0.55 -11.25
C MET A 253 -16.66 2.00 -11.21
N LEU A 254 -16.50 2.56 -10.00
CA LEU A 254 -15.80 3.85 -9.79
C LEU A 254 -14.29 3.57 -9.77
N ILE A 255 -13.52 4.42 -10.43
CA ILE A 255 -12.05 4.29 -10.54
C ILE A 255 -11.41 5.64 -10.25
N ASP A 256 -10.09 5.67 -10.22
CA ASP A 256 -9.23 6.87 -10.14
C ASP A 256 -9.54 7.61 -8.84
N PHE A 257 -9.11 7.01 -7.74
CA PHE A 257 -9.30 7.50 -6.35
C PHE A 257 -8.10 8.33 -5.90
N GLU A 258 -7.36 8.97 -6.80
CA GLU A 258 -6.11 9.68 -6.43
C GLU A 258 -6.40 10.93 -5.58
N TYR A 259 -7.61 11.49 -5.64
CA TYR A 259 -7.98 12.71 -4.86
C TYR A 259 -8.72 12.30 -3.56
N SER A 260 -8.93 11.00 -3.34
CA SER A 260 -9.74 10.44 -2.24
C SER A 260 -9.19 10.86 -0.87
N SER A 261 -10.09 11.06 0.07
CA SER A 261 -9.77 11.48 1.46
C SER A 261 -11.03 11.33 2.28
N TYR A 262 -10.87 11.32 3.60
CA TYR A 262 -11.98 11.55 4.55
C TYR A 262 -12.42 13.00 4.38
N ASN A 263 -13.70 13.18 4.16
CA ASN A 263 -14.22 14.49 3.71
C ASN A 263 -15.71 14.50 4.03
N TYR A 264 -16.33 15.66 3.94
CA TYR A 264 -17.79 15.78 4.15
C TYR A 264 -18.49 15.07 3.00
N ARG A 265 -19.41 14.16 3.34
CA ARG A 265 -20.24 13.42 2.37
C ARG A 265 -20.88 14.41 1.39
N GLY A 266 -21.30 15.57 1.88
CA GLY A 266 -21.97 16.61 1.08
C GLY A 266 -21.15 17.00 -0.13
N PHE A 267 -19.83 17.09 0.04
CA PHE A 267 -18.89 17.41 -1.04
C PHE A 267 -18.96 16.37 -2.16
N ASP A 268 -18.88 15.11 -1.79
CA ASP A 268 -18.78 14.00 -2.78
C ASP A 268 -20.07 14.02 -3.61
N ILE A 269 -21.21 14.15 -2.96
CA ILE A 269 -22.52 14.10 -3.67
C ILE A 269 -22.70 15.41 -4.43
N GLY A 270 -22.52 16.55 -3.78
CA GLY A 270 -22.63 17.86 -4.46
C GLY A 270 -21.72 17.92 -5.68
N ASN A 271 -20.49 17.45 -5.54
CA ASN A 271 -19.51 17.44 -6.65
C ASN A 271 -20.06 16.60 -7.80
N HIS A 272 -20.60 15.43 -7.50
CA HIS A 272 -21.23 14.54 -8.52
C HIS A 272 -22.35 15.29 -9.25
N PHE A 273 -23.21 16.00 -8.52
CA PHE A 273 -24.34 16.75 -9.12
C PHE A 273 -23.76 17.82 -10.05
N CYS A 274 -22.70 18.50 -9.63
CA CYS A 274 -22.07 19.57 -10.46
C CYS A 274 -21.64 18.97 -11.79
N GLU A 275 -21.16 17.72 -11.78
CA GLU A 275 -20.54 17.08 -12.96
C GLU A 275 -21.62 16.81 -14.02
N TRP A 276 -22.90 16.85 -13.65
CA TRP A 276 -23.98 16.77 -14.67
C TRP A 276 -23.87 17.97 -15.63
N MET A 277 -23.27 19.07 -15.21
CA MET A 277 -23.27 20.33 -16.00
C MET A 277 -22.07 20.42 -16.94
N TYR A 278 -21.08 19.53 -16.81
CA TYR A 278 -19.76 19.69 -17.49
C TYR A 278 -19.48 18.48 -18.36
N ASP A 279 -19.20 18.75 -19.64
CA ASP A 279 -18.85 17.72 -20.65
C ASP A 279 -17.43 18.04 -21.11
N TYR A 280 -16.50 17.13 -20.83
CA TYR A 280 -15.04 17.27 -21.05
C TYR A 280 -14.66 16.63 -22.39
N SER A 281 -15.62 16.19 -23.20
CA SER A 281 -15.37 15.53 -24.52
C SER A 281 -15.50 16.54 -25.68
N TYR A 282 -15.85 17.80 -25.42
CA TYR A 282 -15.88 18.86 -26.46
C TYR A 282 -14.49 18.98 -27.12
N GLU A 283 -14.44 18.95 -28.46
CA GLU A 283 -13.18 18.73 -29.23
C GLU A 283 -12.55 20.07 -29.64
N LYS A 284 -13.22 21.21 -29.48
CA LYS A 284 -12.66 22.56 -29.75
C LYS A 284 -12.43 23.30 -28.42
N TYR A 285 -11.56 24.30 -28.45
CA TYR A 285 -11.28 25.20 -27.31
C TYR A 285 -12.58 25.77 -26.79
N PRO A 286 -12.85 25.81 -25.46
CA PRO A 286 -11.86 25.43 -24.43
C PRO A 286 -11.83 23.96 -23.96
N PHE A 287 -12.40 23.04 -24.75
CA PHE A 287 -12.34 21.56 -24.55
C PHE A 287 -13.24 21.12 -23.39
N PHE A 288 -14.26 21.94 -23.08
CA PHE A 288 -15.41 21.53 -22.24
C PHE A 288 -16.63 22.35 -22.69
N ARG A 289 -17.83 21.82 -22.40
CA ARG A 289 -19.09 22.57 -22.48
C ARG A 289 -19.70 22.55 -21.07
N ALA A 290 -20.27 23.69 -20.66
CA ALA A 290 -20.93 23.91 -19.36
C ALA A 290 -22.39 24.24 -19.62
N ASN A 291 -23.32 23.60 -18.91
CA ASN A 291 -24.75 23.90 -19.08
C ASN A 291 -25.42 23.86 -17.70
N ILE A 292 -25.68 25.06 -17.16
CA ILE A 292 -26.31 25.25 -15.83
C ILE A 292 -27.65 24.52 -15.79
N ARG A 293 -28.37 24.42 -16.91
CA ARG A 293 -29.72 23.78 -16.95
C ARG A 293 -29.60 22.28 -16.74
N LYS A 294 -28.40 21.69 -16.88
CA LYS A 294 -28.24 20.21 -16.80
C LYS A 294 -28.02 19.76 -15.35
N TYR A 295 -27.91 20.67 -14.39
CA TYR A 295 -27.85 20.30 -12.96
C TYR A 295 -29.09 19.45 -12.66
N PRO A 296 -29.01 18.40 -11.82
CA PRO A 296 -30.20 17.59 -11.56
C PRO A 296 -31.32 18.43 -10.91
N THR A 297 -32.55 18.16 -11.33
CA THR A 297 -33.79 18.69 -10.71
C THR A 297 -33.91 18.08 -9.32
N LYS A 298 -34.72 18.69 -8.45
CA LYS A 298 -34.94 18.18 -7.08
C LYS A 298 -35.42 16.73 -7.20
N LYS A 299 -36.27 16.44 -8.18
CA LYS A 299 -36.77 15.07 -8.46
C LYS A 299 -35.59 14.13 -8.72
N GLN A 300 -34.66 14.52 -9.60
CA GLN A 300 -33.49 13.67 -9.98
C GLN A 300 -32.56 13.52 -8.78
N GLN A 301 -32.40 14.57 -7.97
CA GLN A 301 -31.59 14.56 -6.73
C GLN A 301 -32.22 13.60 -5.71
N LEU A 302 -33.55 13.65 -5.55
CA LEU A 302 -34.26 12.74 -4.61
C LEU A 302 -34.11 11.30 -5.11
N HIS A 303 -34.21 11.05 -6.42
CA HIS A 303 -33.98 9.69 -6.98
C HIS A 303 -32.58 9.20 -6.56
N PHE A 304 -31.54 10.03 -6.69
CA PHE A 304 -30.16 9.64 -6.31
C PHE A 304 -30.09 9.39 -4.79
N ILE A 305 -30.54 10.31 -3.93
CA ILE A 305 -30.30 10.14 -2.48
C ILE A 305 -31.22 9.02 -1.95
N SER A 306 -32.33 8.72 -2.64
CA SER A 306 -33.24 7.60 -2.29
C SER A 306 -32.54 6.25 -2.54
N SER A 307 -31.63 6.13 -3.52
CA SER A 307 -30.73 4.94 -3.66
C SER A 307 -29.61 5.02 -2.65
N TYR A 308 -29.04 6.20 -2.44
CA TYR A 308 -27.85 6.36 -1.56
C TYR A 308 -28.21 5.92 -0.14
N LEU A 309 -29.31 6.43 0.41
CA LEU A 309 -29.58 6.31 1.87
C LEU A 309 -29.75 4.86 2.32
N PRO A 310 -30.58 4.02 1.69
CA PRO A 310 -30.67 2.61 2.08
C PRO A 310 -29.32 1.88 1.97
N ALA A 311 -28.52 2.21 0.95
CA ALA A 311 -27.20 1.59 0.72
C ALA A 311 -26.20 2.08 1.77
N PHE A 312 -26.39 3.24 2.38
CA PHE A 312 -25.47 3.78 3.40
C PHE A 312 -25.91 3.40 4.82
N GLN A 313 -27.22 3.42 5.11
CA GLN A 313 -27.82 2.89 6.37
C GLN A 313 -29.21 2.30 6.10
N ASP A 315 -31.96 -0.69 6.01
CA ASP A 315 -32.19 -0.20 7.39
C ASP A 315 -33.09 1.06 7.34
N PHE A 316 -32.56 2.16 6.77
CA PHE A 316 -33.23 3.47 6.56
C PHE A 316 -34.69 3.30 6.11
N GLU A 317 -35.00 2.26 5.32
CA GLU A 317 -36.34 2.04 4.70
C GLU A 317 -37.39 1.78 5.80
N ASN A 318 -36.98 1.37 7.00
CA ASN A 318 -37.89 1.06 8.14
C ASN A 318 -38.30 2.31 8.92
N LEU A 319 -37.64 3.46 8.69
CA LEU A 319 -37.97 4.70 9.42
C LEU A 319 -39.34 5.19 8.98
N SER A 320 -40.01 6.00 9.81
CA SER A 320 -41.32 6.64 9.46
C SER A 320 -41.12 7.56 8.26
N THR A 321 -42.17 7.72 7.46
CA THR A 321 -42.18 8.61 6.27
C THR A 321 -41.79 10.02 6.70
N GLU A 322 -42.21 10.47 7.89
CA GLU A 322 -41.85 11.81 8.41
C GLU A 322 -40.33 11.90 8.55
N GLU A 323 -39.71 10.89 9.16
CA GLU A 323 -38.26 10.91 9.47
C GLU A 323 -37.51 10.83 8.13
N LYS A 324 -37.95 9.97 7.24
CA LYS A 324 -37.34 9.78 5.89
C LYS A 324 -37.36 11.12 5.13
N SER A 325 -38.49 11.82 5.14
CA SER A 325 -38.67 13.13 4.48
C SER A 325 -37.72 14.16 5.08
N ILE A 326 -37.71 14.27 6.41
CA ILE A 326 -36.80 15.22 7.13
C ILE A 326 -35.36 14.93 6.69
N ILE A 327 -34.98 13.66 6.64
CA ILE A 327 -33.57 13.27 6.41
C ILE A 327 -33.22 13.65 4.97
N LYS A 328 -34.10 13.33 4.02
CA LYS A 328 -33.89 13.63 2.59
C LYS A 328 -33.82 15.15 2.39
N GLU A 329 -34.77 15.91 2.93
CA GLU A 329 -34.84 17.38 2.72
C GLU A 329 -33.56 18.00 3.28
N GLU A 330 -33.15 17.58 4.47
CA GLU A 330 -31.93 18.16 5.09
C GLU A 330 -30.72 17.71 4.24
N MET A 331 -30.75 16.52 3.64
CA MET A 331 -29.61 16.05 2.79
C MET A 331 -29.60 16.84 1.46
N LEU A 332 -30.74 17.17 0.88
CA LEU A 332 -30.76 18.02 -0.34
C LEU A 332 -30.09 19.36 -0.03
N LEU A 333 -30.35 19.92 1.16
CA LEU A 333 -29.78 21.22 1.56
C LEU A 333 -28.27 21.02 1.76
N GLU A 334 -27.88 19.96 2.45
CA GLU A 334 -26.46 19.62 2.72
C GLU A 334 -25.67 19.56 1.40
N VAL A 335 -26.12 18.76 0.44
CA VAL A 335 -25.36 18.47 -0.81
C VAL A 335 -25.37 19.71 -1.72
N ASN A 336 -26.46 20.49 -1.74
CA ASN A 336 -26.55 21.71 -2.58
C ASN A 336 -25.65 22.82 -2.01
N ARG A 337 -25.51 22.89 -0.70
CA ARG A 337 -24.56 23.85 -0.08
C ARG A 337 -23.12 23.40 -0.36
N PHE A 338 -22.81 22.12 -0.18
CA PHE A 338 -21.44 21.62 -0.40
C PHE A 338 -21.10 21.67 -1.89
N ALA A 339 -22.12 21.65 -2.75
CA ALA A 339 -21.93 21.88 -4.20
C ALA A 339 -21.18 23.21 -4.42
N LEU A 340 -21.42 24.23 -3.59
CA LEU A 340 -20.70 25.52 -3.69
C LEU A 340 -19.20 25.27 -3.54
N ALA A 341 -18.78 24.39 -2.62
CA ALA A 341 -17.34 24.09 -2.39
C ALA A 341 -16.78 23.32 -3.60
N SER A 342 -17.57 22.49 -4.30
CA SER A 342 -17.14 21.87 -5.59
C SER A 342 -16.77 22.97 -6.59
N HIS A 343 -17.66 23.94 -6.79
CA HIS A 343 -17.39 25.09 -7.70
C HIS A 343 -16.14 25.83 -7.24
N PHE A 344 -16.06 26.17 -5.98
CA PHE A 344 -14.96 27.03 -5.45
C PHE A 344 -13.62 26.30 -5.59
N LEU A 345 -13.56 25.06 -5.15
CA LEU A 345 -12.30 24.26 -5.12
C LEU A 345 -11.85 24.02 -6.57
N TRP A 346 -12.74 23.52 -7.44
CA TRP A 346 -12.35 23.26 -8.85
C TRP A 346 -12.01 24.57 -9.56
N GLY A 347 -12.70 25.67 -9.24
CA GLY A 347 -12.38 27.01 -9.81
C GLY A 347 -10.96 27.42 -9.49
N LEU A 348 -10.57 27.35 -8.23
CA LEU A 348 -9.20 27.71 -7.76
C LEU A 348 -8.19 26.75 -8.36
N TRP A 349 -8.46 25.45 -8.26
CA TRP A 349 -7.60 24.40 -8.88
C TRP A 349 -7.31 24.76 -10.34
N SER A 350 -8.34 25.11 -11.08
CA SER A 350 -8.26 25.38 -12.53
C SER A 350 -7.39 26.61 -12.81
N ILE A 351 -7.43 27.65 -11.97
CA ILE A 351 -6.57 28.86 -12.13
C ILE A 351 -5.11 28.44 -11.98
N VAL A 352 -4.80 27.63 -10.96
CA VAL A 352 -3.43 27.14 -10.72
C VAL A 352 -3.00 26.33 -11.94
N GLN A 353 -3.86 25.43 -12.47
CA GLN A 353 -3.50 24.60 -13.64
C GLN A 353 -3.20 25.51 -14.84
N ALA A 354 -3.90 26.62 -14.98
CA ALA A 354 -3.66 27.55 -16.11
C ALA A 354 -2.21 28.03 -16.06
N LYS A 355 -1.61 28.15 -14.88
CA LYS A 355 -0.20 28.57 -14.67
C LYS A 355 0.72 27.37 -14.95
N ILE A 356 0.50 26.23 -14.30
CA ILE A 356 1.52 25.16 -14.15
C ILE A 356 1.30 24.03 -15.18
N SER A 357 0.10 23.88 -15.74
CA SER A 357 -0.22 22.74 -16.65
C SER A 357 0.01 23.16 -18.11
N SER A 358 0.53 22.23 -18.93
CA SER A 358 0.71 22.41 -20.39
C SER A 358 -0.32 21.58 -21.16
N ILE A 359 -1.24 20.92 -20.46
CA ILE A 359 -2.35 20.15 -21.09
C ILE A 359 -3.24 21.09 -21.89
N GLU A 360 -3.64 20.69 -23.09
CA GLU A 360 -4.51 21.51 -23.97
C GLU A 360 -5.94 21.52 -23.38
N PHE A 361 -6.26 22.50 -22.56
CA PHE A 361 -7.58 22.69 -21.90
C PHE A 361 -7.71 24.17 -21.55
N GLY A 362 -8.89 24.75 -21.77
CA GLY A 362 -9.18 26.14 -21.38
C GLY A 362 -9.41 26.26 -19.88
N TYR A 363 -8.32 26.20 -19.10
CA TYR A 363 -8.36 26.22 -17.62
C TYR A 363 -9.02 27.50 -17.09
N MET A 364 -8.71 28.66 -17.68
CA MET A 364 -9.23 29.96 -17.17
C MET A 364 -10.74 30.06 -17.47
N ASP A 365 -11.15 29.63 -18.65
CA ASP A 365 -12.57 29.58 -19.05
C ASP A 365 -13.31 28.61 -18.09
N TYR A 366 -12.69 27.48 -17.77
CA TYR A 366 -13.30 26.49 -16.87
C TYR A 366 -13.46 27.13 -15.50
N ALA A 367 -12.43 27.83 -15.01
CA ALA A 367 -12.47 28.53 -13.71
C ALA A 367 -13.67 29.47 -13.72
N GLN A 368 -13.84 30.25 -14.79
CA GLN A 368 -14.92 31.26 -14.85
C GLN A 368 -16.25 30.51 -14.83
N ALA A 369 -16.34 29.39 -15.54
CA ALA A 369 -17.59 28.58 -15.60
C ALA A 369 -17.96 28.08 -14.18
N ARG A 370 -16.99 27.58 -13.42
CA ARG A 370 -17.22 27.10 -12.03
C ARG A 370 -17.69 28.29 -11.17
N PHE A 371 -17.10 29.47 -11.32
CA PHE A 371 -17.50 30.65 -10.50
C PHE A 371 -18.87 31.17 -10.95
N ASP A 372 -19.20 31.15 -12.25
CA ASP A 372 -20.57 31.52 -12.70
C ASP A 372 -21.56 30.58 -12.02
N ALA A 373 -21.28 29.28 -12.01
CA ALA A 373 -22.16 28.27 -11.40
C ALA A 373 -22.22 28.49 -9.89
N TYR A 374 -21.12 28.89 -9.26
CA TYR A 374 -21.05 29.18 -7.80
C TYR A 374 -22.07 30.29 -7.43
N PHE A 375 -22.03 31.40 -8.14
CA PHE A 375 -22.89 32.58 -7.86
C PHE A 375 -24.35 32.25 -8.23
N HIS A 376 -24.56 31.54 -9.33
CA HIS A 376 -25.90 31.04 -9.71
C HIS A 376 -26.45 30.15 -8.59
N GLN A 377 -25.65 29.21 -8.08
CA GLN A 377 -26.09 28.30 -7.00
C GLN A 377 -26.39 29.09 -5.73
N LYS A 378 -25.58 30.11 -5.43
CA LYS A 378 -25.84 30.99 -4.25
C LYS A 378 -27.20 31.66 -4.44
N ARG A 379 -27.50 32.19 -5.62
CA ARG A 379 -28.79 32.87 -5.88
C ARG A 379 -29.90 31.83 -5.72
N LYS A 380 -29.73 30.62 -6.27
CA LYS A 380 -30.74 29.55 -6.13
C LYS A 380 -30.98 29.26 -4.64
N LEU A 381 -29.93 29.18 -3.83
CA LEU A 381 -30.10 28.98 -2.38
C LEU A 381 -30.51 30.34 -1.78
N GLU B 7 7.00 2.33 31.03
CA GLU B 7 7.84 3.51 30.72
C GLU B 7 6.99 4.52 29.92
N GLN B 8 7.01 5.79 30.30
CA GLN B 8 6.28 6.89 29.62
C GLN B 8 7.19 7.50 28.56
N PRO B 9 6.64 7.91 27.38
CA PRO B 9 7.45 8.57 26.36
C PRO B 9 7.77 10.01 26.75
N GLU B 10 8.64 10.67 25.99
CA GLU B 10 8.92 12.13 26.09
C GLU B 10 7.63 12.90 25.84
N PRO B 11 7.45 14.12 26.41
CA PRO B 11 6.23 14.91 26.19
C PRO B 11 5.87 15.12 24.71
N ARG B 12 6.83 15.53 23.87
CA ARG B 12 6.64 15.80 22.43
C ARG B 12 6.00 14.56 21.77
N THR B 13 6.46 13.38 22.17
CA THR B 13 6.07 12.08 21.58
C THR B 13 4.65 11.75 22.06
N ARG B 14 4.38 11.91 23.36
CA ARG B 14 3.02 11.71 23.93
C ARG B 14 1.99 12.55 23.15
N ARG B 15 2.35 13.80 22.85
CA ARG B 15 1.50 14.78 22.11
C ARG B 15 1.17 14.21 20.71
N ARG B 16 2.22 13.91 19.94
CA ARG B 16 2.14 13.44 18.52
C ARG B 16 1.35 12.12 18.49
N ALA B 17 1.61 11.21 19.43
CA ALA B 17 0.92 9.90 19.56
C ALA B 17 -0.57 10.10 19.83
N TYR B 18 -0.89 11.03 20.74
CA TYR B 18 -2.31 11.36 21.08
C TYR B 18 -3.03 11.84 19.80
N LEU B 19 -2.38 12.71 19.03
CA LEU B 19 -3.01 13.34 17.83
C LEU B 19 -3.20 12.27 16.74
N TRP B 20 -2.17 11.46 16.46
CA TRP B 20 -2.25 10.34 15.50
C TRP B 20 -3.40 9.42 15.88
N CYS B 21 -3.48 9.00 17.13
CA CYS B 21 -4.57 8.05 17.55
C CYS B 21 -5.92 8.75 17.39
N LYS B 22 -6.02 10.01 17.80
CA LYS B 22 -7.30 10.77 17.82
C LYS B 22 -7.81 10.91 16.38
N GLU B 23 -6.91 11.27 15.48
CA GLU B 23 -7.23 11.62 14.07
C GLU B 23 -7.40 10.35 13.20
N PHE B 24 -6.61 9.29 13.41
CA PHE B 24 -6.61 8.09 12.51
C PHE B 24 -7.58 7.01 12.98
N LEU B 25 -7.92 6.95 14.26
CA LEU B 25 -8.77 5.85 14.81
C LEU B 25 -10.20 6.35 14.95
N PRO B 26 -11.19 5.50 14.61
CA PRO B 26 -12.61 5.87 14.68
C PRO B 26 -13.26 5.55 16.03
N GLY B 27 -14.58 5.79 16.13
CA GLY B 27 -15.38 5.60 17.36
C GLY B 27 -14.89 6.51 18.48
N ALA B 28 -14.69 5.93 19.68
CA ALA B 28 -14.37 6.66 20.93
C ALA B 28 -13.06 7.44 20.78
N TRP B 29 -12.14 6.99 19.92
CA TRP B 29 -10.84 7.70 19.74
C TRP B 29 -11.10 9.13 19.27
N ARG B 30 -12.13 9.35 18.44
CA ARG B 30 -12.31 10.65 17.72
C ARG B 30 -12.59 11.75 18.76
N GLY B 31 -13.35 11.42 19.81
CA GLY B 31 -13.76 12.37 20.88
C GLY B 31 -12.85 12.33 22.09
N LEU B 32 -11.72 11.60 22.04
CA LEU B 32 -10.85 11.35 23.21
C LEU B 32 -10.08 12.63 23.55
N ARG B 33 -10.00 12.94 24.84
CA ARG B 33 -9.22 14.08 25.38
C ARG B 33 -7.79 13.63 25.69
N GLU B 34 -6.84 14.56 25.57
CA GLU B 34 -5.41 14.41 25.89
C GLU B 34 -5.27 13.73 27.27
N ASP B 35 -6.11 14.13 28.22
CA ASP B 35 -6.04 13.74 29.66
C ASP B 35 -6.54 12.29 29.81
N GLU B 36 -7.26 11.76 28.83
CA GLU B 36 -7.72 10.35 28.83
C GLU B 36 -6.74 9.40 28.10
N PHE B 37 -5.66 9.92 27.51
CA PHE B 37 -4.75 9.13 26.61
C PHE B 37 -3.78 8.28 27.45
N HIS B 38 -3.81 6.96 27.25
CA HIS B 38 -2.85 5.98 27.83
C HIS B 38 -1.83 5.55 26.76
N ILE B 39 -0.54 5.80 27.02
CA ILE B 39 0.59 5.40 26.14
C ILE B 39 1.75 4.93 27.03
N SER B 40 2.50 3.91 26.59
CA SER B 40 3.74 3.45 27.24
C SER B 40 4.68 2.87 26.19
N VAL B 41 5.99 3.04 26.38
CA VAL B 41 7.05 2.58 25.44
C VAL B 41 7.09 1.06 25.49
N ILE B 42 7.17 0.42 24.33
CA ILE B 42 7.40 -1.05 24.18
C ILE B 42 8.87 -1.25 23.80
N ARG B 43 9.37 -0.44 22.88
CA ARG B 43 10.79 -0.46 22.43
C ARG B 43 11.23 0.98 22.15
N GLY B 44 12.27 1.43 22.86
CA GLY B 44 13.01 2.66 22.56
C GLY B 44 14.03 2.43 21.45
N GLY B 45 14.89 3.42 21.19
CA GLY B 45 15.88 3.41 20.10
C GLY B 45 15.84 4.71 19.34
N LEU B 46 16.78 4.94 18.42
CA LEU B 46 16.74 6.09 17.49
C LEU B 46 15.90 5.73 16.26
N SER B 47 15.66 4.42 16.07
CA SER B 47 14.97 3.83 14.89
C SER B 47 13.87 2.88 15.38
N ASN B 48 12.70 2.93 14.74
CA ASN B 48 11.65 1.88 14.84
C ASN B 48 11.13 1.75 16.27
N MET B 49 10.84 2.88 16.91
CA MET B 49 10.27 2.90 18.28
C MET B 49 8.83 2.34 18.26
N LEU B 50 8.47 1.56 19.27
CA LEU B 50 7.13 0.98 19.43
C LEU B 50 6.51 1.51 20.71
N PHE B 51 5.21 1.77 20.70
CA PHE B 51 4.42 2.25 21.86
C PHE B 51 3.09 1.53 21.85
N GLN B 52 2.58 1.15 23.03
CA GLN B 52 1.18 0.74 23.21
C GLN B 52 0.35 2.00 23.51
N CYS B 53 -0.77 2.19 22.80
CA CYS B 53 -1.71 3.33 22.99
C CYS B 53 -3.08 2.73 23.26
N SER B 54 -3.79 3.25 24.26
CA SER B 54 -5.00 2.61 24.83
C SER B 54 -6.07 3.65 25.22
N LEU B 55 -7.34 3.28 25.03
CA LEU B 55 -8.51 3.91 25.69
C LEU B 55 -8.48 3.63 27.18
N PRO B 56 -9.04 4.52 28.03
CA PRO B 56 -9.33 4.16 29.42
C PRO B 56 -10.15 2.86 29.51
N ASP B 57 -9.91 2.05 30.55
CA ASP B 57 -10.70 0.84 30.87
C ASP B 57 -12.19 1.22 30.98
N THR B 58 -12.48 2.45 31.42
CA THR B 58 -13.86 2.95 31.69
C THR B 58 -14.54 3.37 30.38
N THR B 59 -13.79 3.69 29.31
CA THR B 59 -14.37 4.15 28.02
C THR B 59 -14.92 2.96 27.25
N ALA B 60 -16.20 3.03 26.85
CA ALA B 60 -16.87 2.04 25.99
C ALA B 60 -16.56 2.37 24.52
N THR B 61 -16.43 1.32 23.70
CA THR B 61 -16.28 1.44 22.24
C THR B 61 -17.66 1.69 21.63
N LEU B 62 -17.74 2.59 20.65
CA LEU B 62 -18.98 2.99 19.93
C LEU B 62 -19.29 1.98 18.83
N GLY B 63 -18.25 1.34 18.27
CA GLY B 63 -18.33 0.35 17.18
C GLY B 63 -17.28 -0.74 17.36
N ASP B 64 -16.59 -1.10 16.28
CA ASP B 64 -15.56 -2.18 16.29
C ASP B 64 -14.15 -1.59 16.22
N GLU B 65 -13.95 -0.34 16.65
CA GLU B 65 -12.59 0.25 16.83
C GLU B 65 -11.83 -0.56 17.87
N PRO B 66 -10.48 -0.62 17.78
CA PRO B 66 -9.67 -1.31 18.79
C PRO B 66 -9.58 -0.48 20.07
N ARG B 67 -9.37 -1.16 21.20
CA ARG B 67 -9.16 -0.52 22.53
C ARG B 67 -7.69 -0.12 22.67
N LYS B 68 -6.75 -0.96 22.21
CA LYS B 68 -5.31 -0.59 22.14
C LYS B 68 -4.73 -0.88 20.75
N VAL B 69 -3.67 -0.17 20.43
CA VAL B 69 -3.01 -0.20 19.11
C VAL B 69 -1.53 -0.05 19.38
N LEU B 70 -0.72 -0.39 18.37
CA LEU B 70 0.75 -0.24 18.41
C LEU B 70 1.09 0.96 17.54
N LEU B 71 1.82 1.92 18.04
CA LEU B 71 2.39 2.99 17.19
C LEU B 71 3.82 2.60 16.84
N ARG B 72 4.18 2.67 15.57
CA ARG B 72 5.56 2.38 15.08
C ARG B 72 6.06 3.66 14.40
N LEU B 73 7.13 4.24 14.94
CA LEU B 73 7.77 5.47 14.40
C LEU B 73 9.07 5.06 13.72
N TYR B 74 9.30 5.48 12.49
CA TYR B 74 10.52 5.13 11.72
C TYR B 74 11.75 5.68 12.46
N GLY B 75 11.74 6.97 12.80
CA GLY B 75 12.91 7.70 13.31
C GLY B 75 13.53 8.57 12.23
N ALA B 102 11.37 2.12 -1.16
CA ALA B 102 11.39 1.13 -0.07
C ALA B 102 10.17 1.31 0.86
N MET B 103 9.88 2.57 1.24
CA MET B 103 8.73 2.94 2.10
C MET B 103 7.43 2.56 1.39
N VAL B 104 7.33 2.86 0.10
CA VAL B 104 6.12 2.52 -0.71
C VAL B 104 5.92 1.01 -0.70
N LEU B 105 6.96 0.23 -1.04
CA LEU B 105 6.84 -1.23 -1.17
C LEU B 105 6.47 -1.82 0.20
N GLU B 106 7.14 -1.37 1.26
CA GLU B 106 6.93 -1.92 2.62
C GLU B 106 5.52 -1.57 3.10
N SER B 107 5.04 -0.37 2.80
CA SER B 107 3.69 0.08 3.22
C SER B 107 2.61 -0.72 2.45
N VAL B 108 2.77 -0.87 1.14
CA VAL B 108 1.79 -1.64 0.31
C VAL B 108 1.75 -3.09 0.81
N MET B 109 2.92 -3.68 1.00
CA MET B 109 3.02 -5.06 1.48
C MET B 109 2.31 -5.19 2.83
N PHE B 110 2.56 -4.28 3.77
CA PHE B 110 1.93 -4.37 5.11
C PHE B 110 0.41 -4.31 4.96
N ALA B 111 -0.09 -3.38 4.14
CA ALA B 111 -1.53 -3.19 3.86
C ALA B 111 -2.12 -4.46 3.25
N ILE B 112 -1.41 -5.10 2.33
CA ILE B 112 -1.93 -6.32 1.63
C ILE B 112 -2.01 -7.42 2.67
N LEU B 113 -0.95 -7.66 3.45
CA LEU B 113 -0.94 -8.75 4.45
C LEU B 113 -2.06 -8.51 5.48
N ALA B 114 -2.29 -7.25 5.85
CA ALA B 114 -3.41 -6.90 6.76
C ALA B 114 -4.73 -7.29 6.11
N GLU B 115 -4.96 -6.95 4.84
CA GLU B 115 -6.26 -7.22 4.17
C GLU B 115 -6.50 -8.73 4.14
N ARG B 116 -5.44 -9.54 4.00
CA ARG B 116 -5.57 -11.01 3.84
C ARG B 116 -5.53 -11.72 5.19
N SER B 117 -5.42 -10.99 6.30
CA SER B 117 -5.40 -11.56 7.67
C SER B 117 -4.15 -12.40 7.86
N LEU B 118 -3.02 -11.98 7.29
CA LEU B 118 -1.71 -12.69 7.40
C LEU B 118 -0.73 -11.80 8.16
N GLY B 119 -1.17 -10.61 8.55
CA GLY B 119 -0.36 -9.68 9.34
C GLY B 119 -1.27 -8.86 10.25
N PRO B 120 -0.71 -7.98 11.07
CA PRO B 120 -1.52 -7.10 11.93
C PRO B 120 -2.37 -6.17 11.03
N LYS B 121 -3.57 -5.82 11.48
CA LYS B 121 -4.42 -4.81 10.79
C LYS B 121 -3.63 -3.50 10.72
N LEU B 122 -3.86 -2.74 9.67
CA LEU B 122 -3.26 -1.39 9.48
C LEU B 122 -4.35 -0.37 9.81
N TYR B 123 -4.17 0.43 10.85
CA TYR B 123 -5.17 1.42 11.32
C TYR B 123 -4.81 2.81 10.81
N GLY B 124 -3.56 3.05 10.50
CA GLY B 124 -3.18 4.39 10.04
C GLY B 124 -1.79 4.41 9.52
N ILE B 125 -1.57 5.24 8.51
CA ILE B 125 -0.26 5.44 7.90
C ILE B 125 -0.06 6.94 7.68
N PHE B 126 1.13 7.43 8.03
CA PHE B 126 1.53 8.86 7.95
C PHE B 126 3.04 8.86 7.76
N PRO B 127 3.66 9.98 7.34
CA PRO B 127 5.08 9.99 7.01
C PRO B 127 6.02 9.47 8.13
N GLN B 128 5.66 9.68 9.40
CA GLN B 128 6.57 9.39 10.53
C GLN B 128 6.40 7.95 11.00
N GLY B 129 5.33 7.25 10.59
CA GLY B 129 5.06 5.89 11.06
C GLY B 129 3.69 5.36 10.72
N ARG B 130 3.24 4.37 11.49
CA ARG B 130 1.96 3.65 11.27
C ARG B 130 1.31 3.39 12.62
N LEU B 131 0.02 3.05 12.61
CA LEU B 131 -0.63 2.61 13.85
C LEU B 131 -0.68 1.09 14.06
N GLU B 132 -1.36 0.24 13.32
CA GLU B 132 -1.19 -1.25 13.54
C GLU B 132 -1.93 -1.85 14.74
N GLN B 133 -2.56 -2.97 14.49
CA GLN B 133 -3.20 -3.83 15.50
C GLN B 133 -2.15 -4.16 16.56
N PHE B 134 -2.54 -4.14 17.82
CA PHE B 134 -1.74 -4.67 18.94
C PHE B 134 -2.08 -6.16 19.09
N ILE B 135 -1.09 -7.01 18.98
CA ILE B 135 -1.30 -8.49 19.08
C ILE B 135 -0.72 -8.97 20.40
N PRO B 136 -1.55 -9.33 21.40
CA PRO B 136 -1.03 -9.81 22.68
C PRO B 136 -0.25 -11.09 22.43
N SER B 137 1.01 -11.10 22.87
CA SER B 137 2.00 -12.11 22.44
C SER B 137 3.35 -11.82 23.06
N ARG B 138 4.26 -12.76 22.86
CA ARG B 138 5.71 -12.55 23.02
C ARG B 138 6.41 -13.18 21.82
N ARG B 139 7.67 -12.79 21.59
CA ARG B 139 8.56 -13.45 20.61
C ARG B 139 8.90 -14.84 21.14
N LEU B 140 9.15 -15.79 20.23
CA LEU B 140 9.84 -17.07 20.55
C LEU B 140 11.26 -16.76 21.02
N ASP B 141 11.78 -17.64 21.86
CA ASP B 141 13.22 -17.73 22.22
C ASP B 141 13.86 -18.67 21.20
N THR B 142 15.17 -18.49 20.96
CA THR B 142 15.94 -19.37 20.07
C THR B 142 15.65 -20.85 20.38
N GLU B 143 15.65 -21.23 21.65
CA GLU B 143 15.58 -22.66 22.05
C GLU B 143 14.21 -23.24 21.61
N GLU B 144 13.18 -22.41 21.45
CA GLU B 144 11.83 -22.91 21.08
C GLU B 144 11.75 -23.32 19.60
N LEU B 145 12.71 -22.91 18.76
CA LEU B 145 12.66 -23.15 17.30
C LEU B 145 12.75 -24.66 17.03
N SER B 146 13.39 -25.43 17.89
CA SER B 146 13.58 -26.89 17.70
C SER B 146 12.42 -27.69 18.30
N LEU B 147 11.50 -27.10 19.03
CA LEU B 147 10.32 -27.86 19.54
C LEU B 147 9.54 -28.36 18.32
N PRO B 148 9.28 -29.67 18.19
CA PRO B 148 8.68 -30.22 16.97
C PRO B 148 7.42 -29.50 16.45
N ASP B 149 6.51 -29.10 17.34
CA ASP B 149 5.23 -28.46 16.98
C ASP B 149 5.48 -27.00 16.57
N ILE B 150 6.42 -26.33 17.23
CA ILE B 150 6.82 -24.95 16.84
C ILE B 150 7.41 -25.01 15.41
N SER B 151 8.36 -25.93 15.19
CA SER B 151 9.10 -26.05 13.91
C SER B 151 8.10 -26.40 12.78
N ALA B 152 7.21 -27.37 13.00
CA ALA B 152 6.17 -27.79 12.01
C ALA B 152 5.29 -26.60 11.65
N GLU B 153 4.89 -25.78 12.63
CA GLU B 153 4.03 -24.60 12.35
C GLU B 153 4.84 -23.50 11.66
N ILE B 154 6.12 -23.30 11.99
CA ILE B 154 6.92 -22.30 11.24
C ILE B 154 6.97 -22.74 9.76
N ALA B 155 7.25 -24.01 9.50
CA ALA B 155 7.29 -24.58 8.14
C ALA B 155 5.97 -24.31 7.38
N GLU B 156 4.82 -24.52 8.03
CA GLU B 156 3.46 -24.31 7.43
C GLU B 156 3.26 -22.82 7.17
N LYS B 157 3.54 -21.96 8.15
CA LYS B 157 3.40 -20.48 7.94
C LYS B 157 4.35 -20.02 6.82
N MET B 158 5.58 -20.49 6.77
CA MET B 158 6.53 -20.08 5.70
C MET B 158 6.01 -20.56 4.33
N ALA B 159 5.54 -21.81 4.23
CA ALA B 159 4.93 -22.37 2.99
C ALA B 159 3.79 -21.48 2.52
N THR B 160 2.92 -21.05 3.43
CA THR B 160 1.75 -20.17 3.11
C THR B 160 2.27 -18.84 2.55
N PHE B 161 3.16 -18.18 3.27
CA PHE B 161 3.87 -16.94 2.85
C PHE B 161 4.45 -17.18 1.44
N HIS B 162 5.09 -18.33 1.22
CA HIS B 162 5.81 -18.61 -0.06
C HIS B 162 4.81 -18.69 -1.22
N GLY B 163 3.56 -19.03 -0.93
CA GLY B 163 2.50 -19.31 -1.92
C GLY B 163 1.80 -18.05 -2.39
N MET B 164 2.01 -16.91 -1.75
CA MET B 164 1.12 -15.78 -2.05
C MET B 164 1.71 -14.92 -3.18
N LYS B 165 0.77 -14.36 -3.94
CA LYS B 165 1.03 -13.45 -5.08
C LYS B 165 1.16 -12.05 -4.48
N MET B 166 2.20 -11.33 -4.88
CA MET B 166 2.50 -9.98 -4.40
C MET B 166 2.92 -9.17 -5.60
N PRO B 167 2.57 -7.86 -5.67
CA PRO B 167 2.82 -7.03 -6.86
C PRO B 167 4.28 -6.57 -6.95
N PHE B 168 5.21 -7.47 -6.69
CA PHE B 168 6.65 -7.12 -6.67
C PHE B 168 7.38 -7.89 -7.77
N ASN B 169 8.59 -7.45 -8.06
CA ASN B 169 9.47 -8.04 -9.09
C ASN B 169 9.74 -9.51 -8.71
N LYS B 170 9.47 -10.42 -9.66
CA LYS B 170 9.53 -11.89 -9.45
C LYS B 170 10.88 -12.45 -9.91
N GLU B 171 11.72 -11.61 -10.49
CA GLU B 171 13.11 -11.97 -10.92
C GLU B 171 13.96 -12.05 -9.66
N PRO B 172 14.58 -13.20 -9.35
CA PRO B 172 15.24 -13.37 -8.05
C PRO B 172 16.61 -12.68 -7.98
N LYS B 173 16.64 -11.35 -8.15
CA LYS B 173 17.91 -10.60 -8.21
C LYS B 173 18.31 -10.14 -6.81
N TRP B 174 17.41 -10.29 -5.84
CA TRP B 174 17.59 -9.77 -4.46
C TRP B 174 18.86 -10.36 -3.83
N LEU B 175 19.06 -11.69 -3.89
CA LEU B 175 20.10 -12.37 -3.06
C LEU B 175 21.51 -11.89 -3.46
N PHE B 176 21.91 -12.06 -4.71
CA PHE B 176 23.27 -11.67 -5.19
C PHE B 176 23.32 -10.15 -5.39
N GLY B 177 22.20 -9.50 -5.72
CA GLY B 177 22.13 -8.03 -5.74
C GLY B 177 22.52 -7.45 -4.40
N THR B 178 21.93 -7.93 -3.32
CA THR B 178 22.21 -7.46 -1.93
C THR B 178 23.65 -7.82 -1.52
N MET B 179 24.11 -9.05 -1.78
CA MET B 179 25.46 -9.45 -1.33
C MET B 179 26.50 -8.58 -2.07
N GLU B 180 26.30 -8.30 -3.36
CA GLU B 180 27.22 -7.43 -4.17
C GLU B 180 27.21 -5.98 -3.61
N LYS B 181 26.06 -5.44 -3.26
CA LYS B 181 25.95 -4.10 -2.62
C LYS B 181 26.74 -4.11 -1.30
N TYR B 182 26.53 -5.10 -0.41
CA TYR B 182 27.19 -5.10 0.90
C TYR B 182 28.70 -5.30 0.69
N LEU B 183 29.10 -6.19 -0.22
CA LEU B 183 30.54 -6.45 -0.48
C LEU B 183 31.22 -5.14 -0.92
N LYS B 184 30.62 -4.42 -1.88
CA LYS B 184 31.13 -3.13 -2.39
C LYS B 184 31.33 -2.22 -1.18
N GLU B 185 30.32 -2.11 -0.31
CA GLU B 185 30.40 -1.22 0.88
C GLU B 185 31.51 -1.73 1.81
N VAL B 186 31.66 -3.05 1.96
CA VAL B 186 32.66 -3.65 2.90
C VAL B 186 34.08 -3.30 2.44
N LEU B 187 34.31 -3.30 1.13
CA LEU B 187 35.67 -3.04 0.56
C LEU B 187 36.01 -1.54 0.66
N ARG B 188 35.05 -0.65 0.86
CA ARG B 188 35.27 0.82 1.03
C ARG B 188 35.54 1.15 2.51
N ILE B 189 35.26 0.24 3.45
CA ILE B 189 35.16 0.62 4.88
C ILE B 189 36.56 0.83 5.45
N LYS B 190 36.71 1.90 6.21
CA LYS B 190 37.89 2.14 7.08
C LYS B 190 37.36 2.39 8.49
N PHE B 191 37.73 1.54 9.44
CA PHE B 191 37.43 1.78 10.87
C PHE B 191 38.51 2.71 11.45
N THR B 192 38.19 3.42 12.52
CA THR B 192 39.16 4.26 13.27
C THR B 192 39.63 3.52 14.52
N GLU B 193 38.80 2.67 15.13
CA GLU B 193 39.23 1.86 16.30
C GLU B 193 40.12 0.72 15.82
N GLU B 194 41.24 0.52 16.52
CA GLU B 194 42.28 -0.51 16.26
C GLU B 194 41.69 -1.92 16.24
N SER B 195 40.96 -2.34 17.28
CA SER B 195 40.36 -3.71 17.36
C SER B 195 39.44 -3.99 16.15
N ARG B 196 38.61 -3.03 15.72
CA ARG B 196 37.73 -3.15 14.53
C ARG B 196 38.57 -3.22 13.25
N ILE B 197 39.67 -2.47 13.19
CA ILE B 197 40.60 -2.49 12.01
C ILE B 197 41.17 -3.90 11.86
N LYS B 198 41.66 -4.50 12.94
CA LYS B 198 42.22 -5.88 12.92
C LYS B 198 41.13 -6.89 12.55
N LYS B 199 39.93 -6.80 13.14
CA LYS B 199 38.85 -7.80 12.88
C LYS B 199 38.48 -7.77 11.39
N LEU B 200 38.42 -6.58 10.80
CA LEU B 200 38.10 -6.40 9.37
C LEU B 200 39.22 -6.98 8.52
N HIS B 201 40.49 -6.82 8.94
CA HIS B 201 41.65 -7.31 8.15
C HIS B 201 41.58 -8.84 8.10
N LYS B 202 41.25 -9.49 9.22
CA LYS B 202 41.07 -10.96 9.20
C LYS B 202 39.92 -11.34 8.22
N LEU B 203 38.79 -10.66 8.27
CA LEU B 203 37.63 -11.01 7.40
C LEU B 203 38.04 -10.80 5.94
N LEU B 204 38.69 -9.67 5.63
CA LEU B 204 39.17 -9.31 4.26
C LEU B 204 40.16 -10.37 3.76
N SER B 205 40.92 -11.00 4.65
CA SER B 205 41.93 -12.04 4.35
C SER B 205 41.28 -13.28 3.71
N TYR B 206 39.96 -13.48 3.84
CA TYR B 206 39.27 -14.65 3.24
C TYR B 206 39.12 -14.48 1.73
N ASN B 207 39.37 -13.27 1.22
CA ASN B 207 39.16 -12.93 -0.21
C ASN B 207 37.66 -13.06 -0.48
N LEU B 208 36.90 -12.08 0.00
CA LEU B 208 35.42 -12.11 -0.05
C LEU B 208 34.95 -12.04 -1.50
N PRO B 209 35.59 -11.27 -2.42
CA PRO B 209 35.12 -11.24 -3.82
C PRO B 209 35.22 -12.61 -4.52
N LEU B 210 36.28 -13.37 -4.24
CA LEU B 210 36.47 -14.71 -4.82
C LEU B 210 35.44 -15.67 -4.21
N GLU B 211 35.28 -15.60 -2.90
CA GLU B 211 34.36 -16.46 -2.14
C GLU B 211 32.92 -16.20 -2.64
N LEU B 212 32.56 -14.96 -2.91
CA LEU B 212 31.23 -14.64 -3.48
C LEU B 212 31.06 -15.37 -4.82
N GLU B 213 32.10 -15.44 -5.65
CA GLU B 213 32.00 -16.11 -6.97
C GLU B 213 31.95 -17.63 -6.79
N ASN B 214 32.64 -18.17 -5.79
CA ASN B 214 32.55 -19.62 -5.46
C ASN B 214 31.11 -19.90 -5.05
N LEU B 215 30.50 -18.99 -4.26
CA LEU B 215 29.12 -19.18 -3.81
C LEU B 215 28.16 -19.09 -5.02
N ARG B 216 28.39 -18.14 -5.92
CA ARG B 216 27.56 -17.97 -7.12
C ARG B 216 27.56 -19.26 -7.95
N SER B 217 28.73 -19.83 -8.17
CA SER B 217 28.85 -21.09 -8.97
C SER B 217 28.08 -22.21 -8.25
N LEU B 218 28.16 -22.31 -6.92
CA LEU B 218 27.44 -23.39 -6.22
C LEU B 218 25.93 -23.20 -6.35
N LEU B 219 25.43 -21.98 -6.17
CA LEU B 219 23.95 -21.77 -6.08
C LEU B 219 23.34 -21.74 -7.48
N GLU B 220 24.09 -21.27 -8.48
CA GLU B 220 23.63 -21.32 -9.89
C GLU B 220 23.43 -22.79 -10.26
N SER B 221 24.18 -23.74 -9.67
CA SER B 221 24.02 -25.18 -10.00
C SER B 221 22.95 -25.84 -9.13
N THR B 222 22.27 -25.09 -8.26
CA THR B 222 21.32 -25.63 -7.26
C THR B 222 19.93 -25.08 -7.54
N PRO B 223 19.06 -25.85 -8.24
CA PRO B 223 17.69 -25.41 -8.48
C PRO B 223 16.97 -25.12 -7.17
N SER B 224 16.27 -24.00 -7.15
CA SER B 224 15.43 -23.59 -6.01
C SER B 224 14.31 -22.72 -6.55
N PRO B 225 13.03 -23.06 -6.32
CA PRO B 225 11.95 -22.24 -6.85
C PRO B 225 11.94 -20.81 -6.25
N VAL B 226 11.62 -19.82 -7.07
CA VAL B 226 11.48 -18.41 -6.64
C VAL B 226 10.10 -18.28 -6.01
N VAL B 227 10.05 -17.78 -4.79
CA VAL B 227 8.78 -17.61 -4.02
C VAL B 227 8.90 -16.30 -3.25
N PHE B 228 7.78 -15.82 -2.73
CA PHE B 228 7.77 -14.63 -1.86
C PHE B 228 8.36 -15.03 -0.51
N CYS B 229 9.59 -14.59 -0.25
CA CYS B 229 10.40 -14.94 0.94
C CYS B 229 10.31 -13.85 2.03
N HIS B 230 10.23 -14.28 3.27
CA HIS B 230 10.35 -13.35 4.43
C HIS B 230 11.77 -12.75 4.47
N ASN B 231 12.78 -13.57 4.32
CA ASN B 231 14.24 -13.27 4.28
C ASN B 231 14.82 -13.06 5.69
N ASP B 232 14.05 -13.20 6.76
CA ASP B 232 14.54 -12.90 8.13
C ASP B 232 13.71 -13.67 9.14
N CYS B 233 13.46 -14.94 8.87
CA CYS B 233 12.54 -15.77 9.67
C CYS B 233 13.32 -16.31 10.89
N GLN B 234 13.53 -15.42 11.86
CA GLN B 234 14.17 -15.74 13.16
C GLN B 234 13.12 -15.62 14.26
N GLU B 235 13.47 -16.11 15.44
CA GLU B 235 12.59 -16.16 16.63
C GLU B 235 12.08 -14.75 16.96
N GLY B 236 12.88 -13.70 16.74
CA GLY B 236 12.49 -12.33 17.07
C GLY B 236 11.36 -11.85 16.17
N ASN B 237 11.08 -12.56 15.08
CA ASN B 237 10.04 -12.17 14.10
C ASN B 237 8.91 -13.18 14.08
N ILE B 238 8.80 -13.99 15.13
CA ILE B 238 7.75 -15.03 15.28
C ILE B 238 7.04 -14.76 16.62
N LEU B 239 5.75 -14.44 16.54
CA LEU B 239 4.91 -14.15 17.71
C LEU B 239 4.33 -15.47 18.21
N LEU B 240 4.43 -15.72 19.52
CA LEU B 240 3.60 -16.74 20.19
C LEU B 240 2.33 -16.02 20.68
N LEU B 241 1.18 -16.35 20.09
CA LEU B 241 -0.09 -15.60 20.31
C LEU B 241 -0.66 -15.96 21.70
N GLU B 242 -0.84 -14.97 22.55
CA GLU B 242 -1.39 -15.16 23.92
C GLU B 242 -2.78 -15.80 23.80
N GLY B 243 -3.07 -16.81 24.62
CA GLY B 243 -4.37 -17.53 24.61
C GLY B 243 -4.43 -18.65 23.57
N ARG B 244 -3.33 -18.95 22.86
CA ARG B 244 -3.31 -20.02 21.82
C ARG B 244 -2.25 -21.09 22.15
N GLU B 245 -1.56 -20.97 23.28
CA GLU B 245 -0.36 -21.78 23.64
C GLU B 245 -0.66 -23.28 23.63
N ASN B 246 -1.95 -23.67 23.74
CA ASN B 246 -2.43 -25.08 23.73
C ASN B 246 -2.82 -25.54 22.32
N SER B 247 -2.99 -24.64 21.36
CA SER B 247 -3.16 -24.96 19.92
C SER B 247 -1.89 -25.63 19.41
N GLU B 248 -2.01 -26.82 18.83
CA GLU B 248 -0.87 -27.57 18.24
C GLU B 248 -0.28 -26.81 17.02
N LYS B 249 -1.12 -26.25 16.14
CA LYS B 249 -0.72 -25.83 14.77
C LYS B 249 -1.07 -24.37 14.46
N GLN B 250 -1.64 -23.60 15.38
CA GLN B 250 -2.06 -22.22 15.08
C GLN B 250 -1.75 -21.30 16.27
N LYS B 251 -0.53 -21.33 16.80
CA LYS B 251 -0.19 -20.42 17.91
C LYS B 251 0.85 -19.37 17.50
N LEU B 252 1.25 -19.32 16.22
CA LEU B 252 2.32 -18.40 15.77
C LEU B 252 1.79 -17.46 14.69
N MET B 253 2.43 -16.32 14.61
CA MET B 253 2.33 -15.39 13.46
C MET B 253 3.76 -14.92 13.11
N LEU B 254 4.09 -14.93 11.81
CA LEU B 254 5.31 -14.30 11.26
C LEU B 254 5.06 -12.81 11.13
N ILE B 255 6.01 -11.96 11.55
CA ILE B 255 5.90 -10.48 11.47
C ILE B 255 7.19 -9.91 10.90
N ASP B 256 7.22 -8.60 10.72
CA ASP B 256 8.39 -7.79 10.30
C ASP B 256 8.86 -8.32 8.95
N PHE B 257 8.09 -8.04 7.90
CA PHE B 257 8.36 -8.43 6.50
C PHE B 257 9.14 -7.34 5.76
N GLU B 258 9.90 -6.49 6.46
CA GLU B 258 10.59 -5.31 5.86
C GLU B 258 11.66 -5.76 4.84
N TYR B 259 12.26 -6.94 4.99
CA TYR B 259 13.34 -7.43 4.10
C TYR B 259 12.78 -8.41 3.04
N SER B 260 11.46 -8.62 3.04
CA SER B 260 10.74 -9.54 2.12
C SER B 260 10.98 -9.19 0.65
N SER B 261 11.02 -10.22 -0.17
CA SER B 261 11.24 -10.10 -1.63
C SER B 261 10.99 -11.46 -2.27
N TYR B 262 10.81 -11.49 -3.58
CA TYR B 262 10.85 -12.75 -4.37
C TYR B 262 12.31 -13.23 -4.33
N ASN B 263 12.51 -14.48 -3.97
CA ASN B 263 13.86 -14.97 -3.63
C ASN B 263 13.81 -16.48 -3.75
N TYR B 264 14.98 -17.11 -3.76
CA TYR B 264 15.07 -18.58 -3.79
C TYR B 264 14.53 -19.12 -2.47
N ARG B 265 13.58 -20.05 -2.55
CA ARG B 265 12.99 -20.72 -1.38
C ARG B 265 14.11 -21.22 -0.44
N GLY B 266 15.19 -21.74 -1.01
CA GLY B 266 16.33 -22.32 -0.29
C GLY B 266 16.91 -21.33 0.71
N PHE B 267 16.97 -20.05 0.34
CA PHE B 267 17.46 -18.97 1.22
C PHE B 267 16.58 -18.85 2.47
N ASP B 268 15.27 -18.77 2.28
CA ASP B 268 14.35 -18.52 3.41
C ASP B 268 14.49 -19.69 4.41
N ILE B 269 14.52 -20.92 3.90
CA ILE B 269 14.59 -22.13 4.76
C ILE B 269 16.01 -22.24 5.35
N GLY B 270 17.03 -22.15 4.52
CA GLY B 270 18.42 -22.21 5.01
C GLY B 270 18.68 -21.13 6.05
N ASN B 271 18.20 -19.91 5.78
CA ASN B 271 18.33 -18.78 6.74
C ASN B 271 17.69 -19.16 8.08
N HIS B 272 16.48 -19.71 8.05
CA HIS B 272 15.76 -20.13 9.27
C HIS B 272 16.60 -21.17 10.02
N PHE B 273 17.19 -22.16 9.33
CA PHE B 273 18.01 -23.21 9.98
C PHE B 273 19.20 -22.54 10.65
N CYS B 274 19.85 -21.58 10.01
CA CYS B 274 21.02 -20.87 10.59
C CYS B 274 20.60 -20.22 11.92
N GLU B 275 19.40 -19.65 11.97
CA GLU B 275 18.92 -18.88 13.14
C GLU B 275 18.76 -19.80 14.37
N TRP B 276 18.75 -21.12 14.19
CA TRP B 276 18.79 -22.05 15.34
C TRP B 276 20.11 -21.86 16.11
N MET B 277 21.16 -21.37 15.46
CA MET B 277 22.51 -21.28 16.09
C MET B 277 22.72 -19.95 16.82
N TYR B 278 21.84 -18.95 16.63
CA TYR B 278 22.10 -17.56 17.10
C TYR B 278 21.03 -17.11 18.09
N ASP B 279 21.45 -16.68 19.27
CA ASP B 279 20.57 -16.13 20.34
C ASP B 279 20.91 -14.66 20.52
N TYR B 280 19.98 -13.75 20.22
CA TYR B 280 20.19 -12.29 20.25
C TYR B 280 19.75 -11.68 21.59
N SER B 281 19.37 -12.49 22.57
CA SER B 281 18.84 -12.02 23.88
C SER B 281 19.95 -11.95 24.95
N TYR B 282 21.18 -12.36 24.62
CA TYR B 282 22.31 -12.36 25.55
C TYR B 282 22.55 -10.93 26.04
N GLU B 283 22.66 -10.76 27.36
CA GLU B 283 22.58 -9.42 28.02
C GLU B 283 23.98 -8.81 28.15
N LYS B 284 25.06 -9.57 27.95
CA LYS B 284 26.46 -9.08 28.02
C LYS B 284 27.06 -9.04 26.60
N TYR B 285 28.08 -8.21 26.39
CA TYR B 285 28.84 -8.10 25.12
C TYR B 285 29.28 -9.51 24.70
N PRO B 286 29.14 -9.94 23.42
CA PRO B 286 28.68 -9.08 22.32
C PRO B 286 27.18 -9.00 22.02
N PHE B 287 26.35 -9.39 22.99
CA PHE B 287 24.86 -9.29 22.95
C PHE B 287 24.28 -10.33 21.98
N PHE B 288 25.02 -11.41 21.71
CA PHE B 288 24.51 -12.64 21.06
C PHE B 288 25.35 -13.82 21.56
N ARG B 289 24.79 -15.01 21.44
CA ARG B 289 25.47 -16.32 21.56
C ARG B 289 25.36 -17.03 20.20
N ALA B 290 26.39 -17.73 19.79
CA ALA B 290 26.45 -18.52 18.54
C ALA B 290 26.84 -19.93 18.93
N ASN B 291 26.13 -20.94 18.46
CA ASN B 291 26.40 -22.35 18.81
C ASN B 291 26.20 -23.22 17.56
N ILE B 292 27.30 -23.57 16.92
CA ILE B 292 27.33 -24.40 15.68
C ILE B 292 26.62 -25.73 15.96
N ARG B 293 26.66 -26.26 17.18
CA ARG B 293 26.05 -27.57 17.49
C ARG B 293 24.52 -27.48 17.44
N LYS B 294 23.94 -26.27 17.47
CA LYS B 294 22.47 -26.09 17.57
C LYS B 294 21.81 -26.09 16.19
N TYR B 295 22.60 -26.10 15.12
CA TYR B 295 22.06 -26.27 13.74
C TYR B 295 21.15 -27.49 13.74
N PRO B 296 20.01 -27.50 13.05
CA PRO B 296 19.14 -28.66 13.06
C PRO B 296 19.85 -29.90 12.50
N THR B 297 19.64 -31.05 13.16
CA THR B 297 20.08 -32.38 12.71
C THR B 297 19.30 -32.72 11.43
N LYS B 298 19.78 -33.71 10.67
CA LYS B 298 19.07 -34.21 9.47
C LYS B 298 17.63 -34.53 9.84
N LYS B 299 17.43 -35.20 10.99
CA LYS B 299 16.08 -35.56 11.50
C LYS B 299 15.23 -34.29 11.64
N GLN B 300 15.77 -33.26 12.28
CA GLN B 300 15.00 -32.01 12.57
C GLN B 300 14.71 -31.27 11.27
N GLN B 301 15.64 -31.32 10.31
CA GLN B 301 15.49 -30.69 8.98
C GLN B 301 14.39 -31.43 8.21
N LEU B 302 14.39 -32.76 8.25
CA LEU B 302 13.33 -33.57 7.58
C LEU B 302 11.98 -33.31 8.21
N HIS B 303 11.93 -33.18 9.53
CA HIS B 303 10.67 -32.83 10.25
C HIS B 303 10.16 -31.50 9.71
N PHE B 304 11.02 -30.48 9.58
CA PHE B 304 10.57 -29.16 9.08
C PHE B 304 10.09 -29.28 7.62
N ILE B 305 10.87 -29.88 6.73
CA ILE B 305 10.48 -29.83 5.29
C ILE B 305 9.28 -30.78 5.05
N SER B 306 9.07 -31.77 5.93
CA SER B 306 7.89 -32.67 5.91
C SER B 306 6.61 -31.90 6.22
N SER B 307 6.64 -30.85 7.05
CA SER B 307 5.48 -29.92 7.23
C SER B 307 5.43 -28.95 6.07
N TYR B 308 6.58 -28.46 5.62
CA TYR B 308 6.64 -27.37 4.61
C TYR B 308 5.99 -27.88 3.31
N LEU B 309 6.43 -29.03 2.82
CA LEU B 309 6.14 -29.46 1.42
C LEU B 309 4.64 -29.65 1.16
N PRO B 310 3.88 -30.38 2.01
CA PRO B 310 2.44 -30.49 1.79
C PRO B 310 1.73 -29.14 1.81
N ALA B 311 2.14 -28.24 2.71
CA ALA B 311 1.54 -26.90 2.87
C ALA B 311 1.90 -26.01 1.68
N PHE B 312 3.00 -26.24 0.97
CA PHE B 312 3.40 -25.41 -0.20
C PHE B 312 2.83 -25.99 -1.50
N GLN B 313 2.90 -27.32 -1.68
CA GLN B 313 2.48 -28.02 -2.93
C GLN B 313 1.82 -29.35 -2.56
N ASP B 315 -1.27 -31.94 -2.65
CA ASP B 315 -0.63 -32.28 -3.95
C ASP B 315 0.58 -33.21 -3.69
N PHE B 316 1.64 -32.67 -3.08
CA PHE B 316 2.85 -33.42 -2.63
C PHE B 316 2.40 -34.63 -1.79
N GLU B 317 1.35 -34.47 -0.99
CA GLU B 317 0.80 -35.52 -0.07
C GLU B 317 0.45 -36.80 -0.84
N ASN B 318 0.06 -36.65 -2.10
CA ASN B 318 -0.48 -37.74 -2.97
C ASN B 318 0.65 -38.42 -3.75
N LEU B 319 1.88 -37.93 -3.67
CA LEU B 319 3.05 -38.62 -4.30
C LEU B 319 3.30 -39.90 -3.51
N SER B 320 3.97 -40.85 -4.14
CA SER B 320 4.47 -42.10 -3.50
C SER B 320 5.55 -41.74 -2.49
N THR B 321 5.75 -42.62 -1.50
CA THR B 321 6.84 -42.56 -0.49
C THR B 321 8.19 -42.35 -1.18
N GLU B 322 8.41 -43.04 -2.30
CA GLU B 322 9.67 -42.97 -3.08
C GLU B 322 9.86 -41.56 -3.59
N GLU B 323 8.81 -40.98 -4.17
CA GLU B 323 8.87 -39.65 -4.82
C GLU B 323 9.12 -38.61 -3.72
N LYS B 324 8.40 -38.74 -2.60
CA LYS B 324 8.52 -37.85 -1.43
C LYS B 324 9.97 -37.88 -0.93
N SER B 325 10.57 -39.06 -0.79
CA SER B 325 11.94 -39.23 -0.26
C SER B 325 12.95 -38.57 -1.20
N ILE B 326 12.83 -38.82 -2.51
CA ILE B 326 13.70 -38.18 -3.52
C ILE B 326 13.62 -36.65 -3.38
N ILE B 327 12.41 -36.11 -3.27
CA ILE B 327 12.18 -34.65 -3.25
C ILE B 327 12.78 -34.07 -1.96
N LYS B 328 12.58 -34.73 -0.83
CA LYS B 328 13.11 -34.32 0.49
C LYS B 328 14.64 -34.34 0.46
N GLU B 329 15.27 -35.41 -0.04
CA GLU B 329 16.75 -35.49 -0.06
C GLU B 329 17.30 -34.37 -0.94
N GLU B 330 16.67 -34.12 -2.09
CA GLU B 330 17.03 -33.02 -3.01
C GLU B 330 16.94 -31.69 -2.25
N MET B 331 15.87 -31.53 -1.50
CA MET B 331 15.58 -30.27 -0.77
C MET B 331 16.60 -30.10 0.38
N LEU B 332 17.02 -31.16 1.06
CA LEU B 332 18.06 -31.03 2.11
C LEU B 332 19.36 -30.44 1.48
N LEU B 333 19.71 -30.89 0.28
CA LEU B 333 20.87 -30.39 -0.48
C LEU B 333 20.68 -28.91 -0.75
N GLU B 334 19.54 -28.58 -1.34
CA GLU B 334 19.14 -27.20 -1.73
C GLU B 334 19.29 -26.25 -0.53
N VAL B 335 18.63 -26.55 0.58
CA VAL B 335 18.50 -25.59 1.71
C VAL B 335 19.84 -25.47 2.44
N ASN B 336 20.63 -26.56 2.51
CA ASN B 336 21.93 -26.53 3.21
C ASN B 336 22.93 -25.73 2.38
N ARG B 337 22.83 -25.77 1.05
CA ARG B 337 23.67 -24.93 0.18
C ARG B 337 23.27 -23.46 0.32
N PHE B 338 21.96 -23.16 0.29
CA PHE B 338 21.51 -21.75 0.40
C PHE B 338 21.82 -21.21 1.80
N ALA B 339 21.92 -22.10 2.79
CA ALA B 339 22.35 -21.70 4.14
C ALA B 339 23.68 -20.93 4.09
N LEU B 340 24.60 -21.30 3.18
CA LEU B 340 25.87 -20.59 2.98
C LEU B 340 25.61 -19.11 2.64
N ALA B 341 24.60 -18.82 1.82
CA ALA B 341 24.25 -17.42 1.44
C ALA B 341 23.71 -16.67 2.66
N SER B 342 23.01 -17.33 3.60
CA SER B 342 22.58 -16.69 4.86
C SER B 342 23.83 -16.20 5.61
N HIS B 343 24.81 -17.09 5.80
CA HIS B 343 26.08 -16.72 6.50
C HIS B 343 26.75 -15.55 5.78
N PHE B 344 26.88 -15.65 4.47
CA PHE B 344 27.67 -14.68 3.69
C PHE B 344 26.98 -13.32 3.73
N LEU B 345 25.67 -13.28 3.49
CA LEU B 345 24.91 -12.01 3.39
C LEU B 345 24.89 -11.38 4.78
N TRP B 346 24.51 -12.11 5.82
CA TRP B 346 24.45 -11.54 7.20
C TRP B 346 25.86 -11.14 7.69
N GLY B 347 26.90 -11.90 7.31
CA GLY B 347 28.29 -11.55 7.63
C GLY B 347 28.66 -10.19 7.04
N LEU B 348 28.40 -9.97 5.74
CA LEU B 348 28.70 -8.70 5.06
C LEU B 348 27.87 -7.58 5.66
N TRP B 349 26.56 -7.82 5.81
CA TRP B 349 25.60 -6.86 6.41
C TRP B 349 26.18 -6.37 7.74
N SER B 350 26.65 -7.30 8.56
CA SER B 350 27.08 -7.05 9.95
C SER B 350 28.32 -6.16 9.98
N ILE B 351 29.26 -6.32 9.04
CA ILE B 351 30.44 -5.43 8.92
C ILE B 351 29.98 -4.00 8.64
N VAL B 352 29.05 -3.82 7.70
CA VAL B 352 28.50 -2.48 7.37
C VAL B 352 27.82 -1.91 8.62
N GLN B 353 27.03 -2.70 9.36
CA GLN B 353 26.35 -2.18 10.58
C GLN B 353 27.39 -1.74 11.61
N ALA B 354 28.53 -2.43 11.71
CA ALA B 354 29.58 -2.06 12.68
C ALA B 354 30.04 -0.63 12.40
N LYS B 355 29.98 -0.18 11.16
CA LYS B 355 30.34 1.21 10.77
C LYS B 355 29.20 2.15 11.15
N ILE B 356 28.00 1.88 10.68
CA ILE B 356 26.90 2.89 10.58
C ILE B 356 25.92 2.78 11.76
N SER B 357 25.85 1.63 12.44
CA SER B 357 24.80 1.39 13.47
C SER B 357 25.32 1.82 14.84
N SER B 358 24.43 2.44 15.63
CA SER B 358 24.67 2.90 17.02
C SER B 358 23.88 2.01 17.98
N ILE B 359 23.23 0.94 17.49
CA ILE B 359 22.68 -0.13 18.36
C ILE B 359 23.83 -0.82 19.08
N GLU B 360 23.71 -1.03 20.39
CA GLU B 360 24.73 -1.73 21.19
C GLU B 360 24.71 -3.23 20.83
N PHE B 361 25.62 -3.65 19.93
CA PHE B 361 25.77 -5.06 19.50
C PHE B 361 27.17 -5.29 18.97
N GLY B 362 27.76 -6.45 19.25
CA GLY B 362 29.08 -6.83 18.72
C GLY B 362 29.00 -7.23 17.25
N TYR B 363 28.83 -6.26 16.34
CA TYR B 363 28.60 -6.50 14.89
C TYR B 363 29.80 -7.23 14.27
N MET B 364 31.03 -6.85 14.62
CA MET B 364 32.24 -7.47 14.02
C MET B 364 32.38 -8.91 14.55
N ASP B 365 32.13 -9.16 15.83
CA ASP B 365 32.17 -10.54 16.38
C ASP B 365 31.06 -11.37 15.71
N TYR B 366 29.89 -10.79 15.47
CA TYR B 366 28.78 -11.51 14.80
C TYR B 366 29.22 -11.83 13.37
N ALA B 367 29.82 -10.87 12.68
CA ALA B 367 30.36 -11.08 11.30
C ALA B 367 31.29 -12.28 11.35
N GLN B 368 32.21 -12.32 12.32
CA GLN B 368 33.23 -13.39 12.36
C GLN B 368 32.50 -14.71 12.60
N ALA B 369 31.49 -14.73 13.48
CA ALA B 369 30.66 -15.93 13.77
C ALA B 369 30.01 -16.45 12.48
N ARG B 370 29.43 -15.58 11.67
CA ARG B 370 28.73 -16.01 10.41
C ARG B 370 29.79 -16.57 9.45
N PHE B 371 30.97 -15.96 9.35
CA PHE B 371 32.02 -16.51 8.44
C PHE B 371 32.60 -17.81 8.98
N ASP B 372 32.79 -17.97 10.28
CA ASP B 372 33.21 -19.27 10.85
C ASP B 372 32.17 -20.33 10.44
N ALA B 373 30.88 -20.04 10.61
CA ALA B 373 29.79 -20.99 10.28
C ALA B 373 29.78 -21.25 8.77
N TYR B 374 30.08 -20.23 7.95
CA TYR B 374 30.15 -20.38 6.47
C TYR B 374 31.19 -21.44 6.08
N PHE B 375 32.42 -21.30 6.58
CA PHE B 375 33.54 -22.20 6.22
C PHE B 375 33.31 -23.58 6.86
N HIS B 376 32.77 -23.63 8.08
CA HIS B 376 32.36 -24.92 8.68
C HIS B 376 31.32 -25.61 7.80
N GLN B 377 30.27 -24.90 7.36
CA GLN B 377 29.21 -25.52 6.53
C GLN B 377 29.82 -25.98 5.20
N LYS B 378 30.76 -25.22 4.63
CA LYS B 378 31.41 -25.64 3.36
C LYS B 378 32.15 -26.95 3.57
N ARG B 379 32.91 -27.04 4.66
CA ARG B 379 33.65 -28.28 5.00
C ARG B 379 32.65 -29.41 5.20
N LYS B 380 31.56 -29.17 5.93
CA LYS B 380 30.52 -30.21 6.16
C LYS B 380 29.97 -30.68 4.83
N LEU B 381 29.70 -29.78 3.90
CA LEU B 381 29.20 -30.19 2.57
C LEU B 381 30.41 -30.67 1.75
#